data_5UP9
#
_entry.id   5UP9
#
_cell.length_a   149.883
_cell.length_b   149.883
_cell.length_c   162.228
_cell.angle_alpha   90.00
_cell.angle_beta   90.00
_cell.angle_gamma   90.00
#
_symmetry.space_group_name_H-M   'I 4'
#
loop_
_entity.id
_entity.type
_entity.pdbx_description
1 polymer 'Ferritin heavy chain'
2 non-polymer 'ZINC ION'
3 non-polymer 'TRIETHYLENE GLYCOL'
4 non-polymer DI(HYDROXYETHYL)ETHER
5 non-polymer "2,2'-(1,4-phenylene)bis(N-hydroxyacetamide)"
6 water water
#
_entity_poly.entity_id   1
_entity_poly.type   'polypeptide(L)'
_entity_poly.pdbx_seq_one_letter_code
;TTASTSQVRQNYHQDSEAAINRQINLELYASYVYLSMSYYFDRDDVALKNFAKYFLHQSHEEREHAEKLMKLQNQRGGRI
FLQDIQKPDEDDWESGLNAMEAALHLEKNVNQSLLELHKLAHDKNDPHLADFIETHYLNEQVKAIKELGDHVTNLRKMGA
PESGLAEYLFDKHTLGDSDNES
;
_entity_poly.pdbx_strand_id   A,B,C,D,E,F
#
# COMPACT_ATOMS: atom_id res chain seq x y z
N THR A 5 55.88 8.22 -19.90
CA THR A 5 55.27 7.28 -18.96
C THR A 5 54.93 7.95 -17.64
N SER A 6 53.75 7.62 -17.11
CA SER A 6 53.29 8.21 -15.86
C SER A 6 54.24 7.85 -14.71
N GLN A 7 54.36 8.77 -13.77
CA GLN A 7 55.22 8.52 -12.61
C GLN A 7 54.65 7.46 -11.70
N VAL A 8 53.33 7.23 -11.75
CA VAL A 8 52.75 6.21 -10.89
C VAL A 8 52.61 4.85 -11.58
N ARG A 9 52.68 4.80 -12.91
CA ARG A 9 52.35 3.56 -13.62
C ARG A 9 53.25 2.41 -13.18
N GLN A 10 52.64 1.27 -12.88
CA GLN A 10 53.38 0.09 -12.48
C GLN A 10 52.54 -1.14 -12.75
N ASN A 11 53.05 -2.05 -13.58
CA ASN A 11 52.37 -3.31 -13.87
C ASN A 11 51.03 -3.07 -14.57
N TYR A 12 50.91 -1.98 -15.30
CA TYR A 12 49.67 -1.62 -15.97
C TYR A 12 49.94 -1.75 -17.46
N HIS A 13 49.42 -2.83 -18.06
CA HIS A 13 49.67 -3.12 -19.45
C HIS A 13 48.87 -2.22 -20.36
N GLN A 14 49.47 -1.90 -21.51
CA GLN A 14 48.81 -1.03 -22.47
C GLN A 14 47.48 -1.64 -22.92
N ASP A 15 47.43 -2.96 -23.06
CA ASP A 15 46.18 -3.62 -23.41
C ASP A 15 45.12 -3.37 -22.33
N SER A 16 45.51 -3.46 -21.06
CA SER A 16 44.58 -3.16 -19.99
C SER A 16 44.09 -1.72 -20.08
N GLU A 17 45.00 -0.78 -20.38
CA GLU A 17 44.60 0.62 -20.48
C GLU A 17 43.59 0.83 -21.60
N ALA A 18 43.86 0.28 -22.79
CA ALA A 18 42.92 0.41 -23.89
C ALA A 18 41.59 -0.24 -23.57
N ALA A 19 41.62 -1.43 -22.97
CA ALA A 19 40.39 -2.11 -22.60
C ALA A 19 39.60 -1.30 -21.59
N ILE A 20 40.28 -0.60 -20.68
CA ILE A 20 39.59 0.23 -19.71
C ILE A 20 38.93 1.42 -20.39
N ASN A 21 39.61 2.02 -21.39
CA ASN A 21 38.97 3.11 -22.13
C ASN A 21 37.73 2.63 -22.86
N ARG A 22 37.81 1.46 -23.49
CA ARG A 22 36.63 0.92 -24.16
C ARG A 22 35.51 0.64 -23.16
N GLN A 23 35.86 0.14 -21.97
CA GLN A 23 34.84 -0.12 -20.95
C GLN A 23 34.19 1.17 -20.49
N ILE A 24 34.98 2.24 -20.34
CA ILE A 24 34.40 3.54 -20.03
C ILE A 24 33.36 3.92 -21.07
N ASN A 25 33.72 3.81 -22.35
CA ASN A 25 32.75 4.13 -23.39
C ASN A 25 31.50 3.26 -23.28
N LEU A 26 31.68 1.96 -23.00
CA LEU A 26 30.53 1.06 -22.91
C LEU A 26 29.61 1.46 -21.77
N GLU A 27 30.17 1.76 -20.60
CA GLU A 27 29.36 2.18 -19.46
C GLU A 27 28.56 3.43 -19.81
N LEU A 28 29.22 4.41 -20.44
CA LEU A 28 28.50 5.63 -20.83
C LEU A 28 27.37 5.32 -21.81
N TYR A 29 27.62 4.44 -22.76
CA TYR A 29 26.58 4.02 -23.70
C TYR A 29 25.39 3.44 -22.94
N ALA A 30 25.65 2.53 -22.00
CA ALA A 30 24.58 1.95 -21.21
C ALA A 30 23.77 3.04 -20.50
N SER A 31 24.47 4.00 -19.88
CA SER A 31 23.78 5.12 -19.25
C SER A 31 22.85 5.80 -20.23
N TYR A 32 23.31 5.98 -21.48
CA TYR A 32 22.48 6.62 -22.49
C TYR A 32 21.22 5.78 -22.76
N VAL A 33 21.41 4.47 -22.93
CA VAL A 33 20.27 3.57 -23.16
C VAL A 33 19.23 3.76 -22.07
N TYR A 34 19.67 3.72 -20.81
CA TYR A 34 18.73 3.82 -19.69
C TYR A 34 18.05 5.18 -19.66
N LEU A 35 18.77 6.25 -19.99
CA LEU A 35 18.15 7.56 -20.10
C LEU A 35 17.03 7.57 -21.13
N SER A 36 17.31 7.01 -22.32
CA SER A 36 16.29 6.91 -23.37
C SER A 36 15.07 6.16 -22.88
N MET A 37 15.28 4.98 -22.28
CA MET A 37 14.16 4.19 -21.78
C MET A 37 13.34 4.98 -20.76
N SER A 38 14.03 5.61 -19.80
CA SER A 38 13.37 6.38 -18.77
C SER A 38 12.42 7.41 -19.37
N TYR A 39 12.93 8.26 -20.25
CA TYR A 39 12.04 9.27 -20.80
C TYR A 39 11.07 8.71 -21.84
N TYR A 40 11.27 7.48 -22.30
CA TYR A 40 10.22 6.83 -23.08
C TYR A 40 9.03 6.49 -22.20
N PHE A 41 9.28 5.94 -21.01
CA PHE A 41 8.16 5.68 -20.12
C PHE A 41 7.63 6.95 -19.48
N ASP A 42 8.34 8.06 -19.64
CA ASP A 42 7.80 9.37 -19.28
C ASP A 42 6.82 9.93 -20.31
N ARG A 43 6.65 9.28 -21.45
CA ARG A 43 5.78 9.82 -22.49
C ARG A 43 4.31 9.81 -22.05
N ASP A 44 3.56 10.80 -22.55
CA ASP A 44 2.15 10.94 -22.19
C ASP A 44 1.32 9.77 -22.70
N ASP A 45 1.80 9.05 -23.72
CA ASP A 45 1.11 7.89 -24.25
C ASP A 45 1.73 6.57 -23.75
N VAL A 46 2.59 6.64 -22.72
CA VAL A 46 3.12 5.45 -22.06
C VAL A 46 2.79 5.57 -20.59
N ALA A 47 3.28 6.64 -19.95
CA ALA A 47 2.83 7.05 -18.63
C ALA A 47 3.01 5.95 -17.59
N LEU A 48 4.22 5.40 -17.54
CA LEU A 48 4.60 4.41 -16.52
C LEU A 48 5.73 5.05 -15.70
N LYS A 49 5.32 5.85 -14.71
CA LYS A 49 6.24 6.70 -13.98
C LYS A 49 7.29 5.89 -13.24
N ASN A 50 6.96 4.68 -12.81
CA ASN A 50 7.92 3.87 -12.06
C ASN A 50 8.91 3.16 -12.96
N PHE A 51 8.49 2.72 -14.15
CA PHE A 51 9.46 2.31 -15.16
C PHE A 51 10.41 3.46 -15.48
N ALA A 52 9.85 4.66 -15.61
CA ALA A 52 10.68 5.83 -15.91
C ALA A 52 11.72 6.05 -14.81
N LYS A 53 11.27 6.12 -13.56
CA LYS A 53 12.20 6.34 -12.45
C LYS A 53 13.23 5.22 -12.39
N TYR A 54 12.80 3.98 -12.55
CA TYR A 54 13.72 2.85 -12.50
C TYR A 54 14.83 3.00 -13.51
N PHE A 55 14.48 3.26 -14.77
CA PHE A 55 15.50 3.33 -15.81
C PHE A 55 16.36 4.59 -15.68
N LEU A 56 15.81 5.68 -15.14
CA LEU A 56 16.63 6.85 -14.85
C LEU A 56 17.68 6.54 -13.79
N HIS A 57 17.26 5.84 -12.72
CA HIS A 57 18.22 5.42 -11.71
C HIS A 57 19.29 4.52 -12.32
N GLN A 58 18.90 3.59 -13.19
CA GLN A 58 19.90 2.77 -13.88
C GLN A 58 20.86 3.65 -14.66
N SER A 59 20.36 4.69 -15.33
CA SER A 59 21.23 5.57 -16.11
C SER A 59 22.27 6.24 -15.21
N HIS A 60 21.82 6.80 -14.09
CA HIS A 60 22.77 7.44 -13.18
C HIS A 60 23.79 6.44 -12.64
N GLU A 61 23.34 5.22 -12.35
CA GLU A 61 24.28 4.17 -11.92
C GLU A 61 25.34 3.91 -12.98
N GLU A 62 24.92 3.77 -14.24
CA GLU A 62 25.90 3.56 -15.31
C GLU A 62 26.90 4.72 -15.33
N ARG A 63 26.42 5.95 -15.18
CA ARG A 63 27.34 7.07 -15.08
C ARG A 63 28.36 6.83 -13.97
N GLU A 64 27.91 6.36 -12.81
CA GLU A 64 28.84 6.09 -11.72
C GLU A 64 29.87 5.02 -12.11
N HIS A 65 29.42 3.94 -12.77
CA HIS A 65 30.36 2.93 -13.26
C HIS A 65 31.42 3.55 -14.14
N ALA A 66 31.01 4.40 -15.09
CA ALA A 66 31.95 5.04 -15.98
C ALA A 66 32.96 5.88 -15.21
N GLU A 67 32.47 6.75 -14.33
CA GLU A 67 33.38 7.63 -13.60
C GLU A 67 34.34 6.84 -12.72
N LYS A 68 33.89 5.74 -12.13
CA LYS A 68 34.80 4.90 -11.35
C LYS A 68 35.87 4.29 -12.25
N LEU A 69 35.49 3.92 -13.48
CA LEU A 69 36.49 3.40 -14.41
C LEU A 69 37.49 4.48 -14.82
N MET A 70 37.03 5.72 -15.01
CA MET A 70 37.97 6.79 -15.34
C MET A 70 38.90 7.08 -14.16
N LYS A 71 38.36 7.07 -12.95
CA LYS A 71 39.18 7.20 -11.76
C LYS A 71 40.23 6.11 -11.70
N LEU A 72 39.83 4.86 -11.95
CA LEU A 72 40.79 3.76 -11.99
C LEU A 72 41.87 4.03 -13.02
N GLN A 73 41.48 4.43 -14.23
CA GLN A 73 42.45 4.73 -15.28
C GLN A 73 43.49 5.72 -14.79
N ASN A 74 43.05 6.82 -14.17
CA ASN A 74 44.01 7.79 -13.64
C ASN A 74 44.84 7.18 -12.51
N GLN A 75 44.23 6.33 -11.69
CA GLN A 75 44.95 5.73 -10.57
C GLN A 75 46.14 4.91 -11.08
N ARG A 76 45.94 4.17 -12.16
CA ARG A 76 47.00 3.28 -12.65
C ARG A 76 47.99 3.99 -13.56
N GLY A 77 47.82 5.28 -13.80
CA GLY A 77 48.72 6.01 -14.67
C GLY A 77 48.37 5.95 -16.14
N GLY A 78 47.26 5.31 -16.50
CA GLY A 78 46.81 5.33 -17.87
C GLY A 78 46.24 6.68 -18.23
N ARG A 79 45.91 6.82 -19.51
CA ARG A 79 45.36 8.07 -20.02
C ARG A 79 43.96 7.82 -20.58
N ILE A 80 42.99 8.60 -20.10
CA ILE A 80 41.62 8.47 -20.57
C ILE A 80 41.51 9.03 -21.97
N PHE A 81 40.91 8.25 -22.87
CA PHE A 81 40.59 8.72 -24.22
C PHE A 81 39.13 8.41 -24.47
N LEU A 82 38.31 9.46 -24.55
CA LEU A 82 36.87 9.31 -24.72
C LEU A 82 36.51 9.24 -26.20
N GLN A 83 35.45 8.49 -26.49
CA GLN A 83 34.93 8.34 -27.83
C GLN A 83 33.46 8.76 -27.85
N ASP A 84 32.95 8.96 -29.05
CA ASP A 84 31.53 9.26 -29.22
C ASP A 84 30.69 8.27 -28.42
N ILE A 85 29.64 8.77 -27.79
CA ILE A 85 28.66 7.92 -27.13
C ILE A 85 27.56 7.64 -28.14
N GLN A 86 27.45 6.38 -28.58
CA GLN A 86 26.47 6.04 -29.59
C GLN A 86 25.06 6.14 -29.04
N LYS A 87 24.14 6.61 -29.87
CA LYS A 87 22.76 6.68 -29.47
C LYS A 87 22.18 5.27 -29.34
N PRO A 88 21.15 5.08 -28.51
CA PRO A 88 20.58 3.75 -28.35
C PRO A 88 20.04 3.21 -29.67
N ASP A 89 19.85 1.89 -29.71
CA ASP A 89 19.36 1.25 -30.92
C ASP A 89 17.92 1.63 -31.25
N GLU A 90 17.16 2.09 -30.26
CA GLU A 90 15.73 2.37 -30.45
C GLU A 90 15.40 3.76 -29.91
N ASP A 91 14.43 4.40 -30.55
CA ASP A 91 13.80 5.59 -30.01
C ASP A 91 12.52 5.28 -29.26
N ASP A 92 11.82 4.22 -29.68
CA ASP A 92 10.56 3.78 -29.09
C ASP A 92 10.78 2.38 -28.51
N TRP A 93 10.57 2.24 -27.20
CA TRP A 93 10.89 0.99 -26.52
C TRP A 93 9.70 0.05 -26.40
N GLU A 94 8.58 0.39 -27.04
CA GLU A 94 7.45 -0.53 -27.21
C GLU A 94 6.63 -0.70 -25.93
N SER A 95 7.25 -1.19 -24.87
CA SER A 95 6.53 -1.52 -23.65
C SER A 95 7.52 -1.76 -22.51
N GLY A 96 6.98 -1.87 -21.30
CA GLY A 96 7.82 -2.13 -20.15
C GLY A 96 8.54 -3.47 -20.23
N LEU A 97 7.82 -4.51 -20.66
CA LEU A 97 8.46 -5.82 -20.83
C LEU A 97 9.62 -5.73 -21.81
N ASN A 98 9.39 -5.13 -22.98
CA ASN A 98 10.45 -5.05 -23.99
C ASN A 98 11.62 -4.21 -23.48
N ALA A 99 11.34 -3.15 -22.74
CA ALA A 99 12.44 -2.38 -22.16
C ALA A 99 13.25 -3.23 -21.20
N MET A 100 12.58 -4.02 -20.35
CA MET A 100 13.30 -4.87 -19.42
C MET A 100 14.14 -5.90 -20.17
N GLU A 101 13.59 -6.48 -21.24
CA GLU A 101 14.35 -7.47 -22.00
C GLU A 101 15.58 -6.83 -22.64
N ALA A 102 15.42 -5.65 -23.23
CA ALA A 102 16.57 -4.95 -23.80
C ALA A 102 17.60 -4.63 -22.73
N ALA A 103 17.15 -4.30 -21.52
CA ALA A 103 18.08 -4.01 -20.44
C ALA A 103 18.82 -5.28 -20.00
N LEU A 104 18.13 -6.41 -19.91
CA LEU A 104 18.81 -7.67 -19.61
C LEU A 104 19.87 -7.99 -20.65
N HIS A 105 19.50 -7.87 -21.93
CA HIS A 105 20.47 -8.10 -23.01
C HIS A 105 21.66 -7.17 -22.88
N LEU A 106 21.40 -5.87 -22.73
CA LEU A 106 22.48 -4.89 -22.56
C LEU A 106 23.37 -5.25 -21.39
N GLU A 107 22.76 -5.58 -20.25
CA GLU A 107 23.54 -5.89 -19.06
C GLU A 107 24.39 -7.14 -19.25
N LYS A 108 23.91 -8.11 -20.03
CA LYS A 108 24.75 -9.27 -20.30
C LYS A 108 25.88 -8.91 -21.27
N ASN A 109 25.65 -7.95 -22.17
CA ASN A 109 26.76 -7.46 -22.99
C ASN A 109 27.82 -6.76 -22.14
N VAL A 110 27.38 -5.88 -21.22
CA VAL A 110 28.32 -5.18 -20.36
C VAL A 110 29.06 -6.15 -19.48
N ASN A 111 28.34 -7.16 -18.96
CA ASN A 111 28.97 -8.17 -18.13
C ASN A 111 29.98 -8.98 -18.92
N GLN A 112 29.65 -9.34 -20.16
CA GLN A 112 30.62 -10.07 -20.98
C GLN A 112 31.88 -9.24 -21.19
N SER A 113 31.71 -7.96 -21.53
CA SER A 113 32.89 -7.10 -21.69
C SER A 113 33.71 -7.04 -20.41
N LEU A 114 33.06 -6.92 -19.25
CA LEU A 114 33.79 -6.87 -17.99
C LEU A 114 34.50 -8.19 -17.72
N LEU A 115 33.92 -9.32 -18.14
CA LEU A 115 34.60 -10.60 -17.96
C LEU A 115 35.82 -10.71 -18.86
N GLU A 116 35.72 -10.21 -20.10
CA GLU A 116 36.89 -10.15 -20.98
C GLU A 116 37.98 -9.26 -20.39
N LEU A 117 37.57 -8.16 -19.76
CA LEU A 117 38.53 -7.28 -19.12
C LEU A 117 39.22 -7.98 -17.95
N HIS A 118 38.45 -8.75 -17.17
CA HIS A 118 39.06 -9.46 -16.05
C HIS A 118 40.03 -10.53 -16.53
N LYS A 119 39.60 -11.36 -17.50
CA LYS A 119 40.53 -12.34 -18.05
C LYS A 119 41.78 -11.67 -18.58
N LEU A 120 41.63 -10.49 -19.19
CA LEU A 120 42.80 -9.72 -19.61
C LEU A 120 43.71 -9.41 -18.42
N ALA A 121 43.12 -8.94 -17.32
CA ALA A 121 43.94 -8.63 -16.15
C ALA A 121 44.66 -9.85 -15.62
N HIS A 122 43.98 -11.01 -15.60
CA HIS A 122 44.63 -12.24 -15.17
C HIS A 122 45.79 -12.60 -16.07
N ASP A 123 45.58 -12.60 -17.38
CA ASP A 123 46.65 -12.98 -18.29
C ASP A 123 47.82 -12.01 -18.23
N LYS A 124 47.55 -10.74 -17.97
CA LYS A 124 48.61 -9.76 -17.85
C LYS A 124 49.16 -9.66 -16.43
N ASN A 125 48.77 -10.59 -15.57
CA ASN A 125 49.22 -10.60 -14.17
C ASN A 125 49.00 -9.25 -13.52
N ASP A 126 47.78 -8.73 -13.64
CA ASP A 126 47.38 -7.49 -13.01
C ASP A 126 46.37 -7.78 -11.90
N PRO A 127 46.82 -8.28 -10.75
CA PRO A 127 45.87 -8.62 -9.68
C PRO A 127 45.09 -7.43 -9.17
N HIS A 128 45.69 -6.24 -9.17
CA HIS A 128 44.95 -5.07 -8.72
C HIS A 128 43.75 -4.78 -9.63
N LEU A 129 43.95 -4.87 -10.94
CA LEU A 129 42.85 -4.63 -11.88
C LEU A 129 41.83 -5.75 -11.80
N ALA A 130 42.29 -7.00 -11.72
CA ALA A 130 41.35 -8.12 -11.60
C ALA A 130 40.50 -7.99 -10.35
N ASP A 131 41.11 -7.59 -9.23
CA ASP A 131 40.33 -7.44 -8.00
C ASP A 131 39.44 -6.21 -8.07
N PHE A 132 39.86 -5.15 -8.77
CA PHE A 132 38.99 -4.01 -8.97
C PHE A 132 37.72 -4.43 -9.69
N ILE A 133 37.86 -5.16 -10.79
CA ILE A 133 36.68 -5.63 -11.52
C ILE A 133 35.85 -6.57 -10.65
N GLU A 134 36.51 -7.51 -9.96
CA GLU A 134 35.78 -8.44 -9.10
C GLU A 134 34.93 -7.71 -8.07
N THR A 135 35.56 -6.79 -7.32
CA THR A 135 34.91 -6.18 -6.18
C THR A 135 33.87 -5.15 -6.57
N HIS A 136 34.12 -4.38 -7.63
CA HIS A 136 33.25 -3.26 -7.95
C HIS A 136 32.29 -3.53 -9.09
N TYR A 137 32.47 -4.61 -9.84
CA TYR A 137 31.60 -4.74 -11.02
C TYR A 137 30.95 -6.11 -11.17
N LEU A 138 31.66 -7.20 -10.92
CA LEU A 138 31.16 -8.52 -11.29
C LEU A 138 29.85 -8.84 -10.56
N ASN A 139 29.85 -8.76 -9.23
CA ASN A 139 28.64 -9.12 -8.51
C ASN A 139 27.50 -8.14 -8.76
N GLU A 140 27.81 -6.85 -8.96
CA GLU A 140 26.77 -5.90 -9.32
C GLU A 140 26.13 -6.29 -10.64
N GLN A 141 26.94 -6.77 -11.59
CA GLN A 141 26.39 -7.25 -12.85
C GLN A 141 25.51 -8.48 -12.64
N VAL A 142 25.95 -9.41 -11.80
CA VAL A 142 25.15 -10.61 -11.55
C VAL A 142 23.82 -10.23 -10.90
N LYS A 143 23.84 -9.31 -9.95
CA LYS A 143 22.60 -8.89 -9.29
C LYS A 143 21.68 -8.17 -10.27
N ALA A 144 22.23 -7.27 -11.08
CA ALA A 144 21.40 -6.57 -12.06
C ALA A 144 20.78 -7.55 -13.06
N ILE A 145 21.58 -8.53 -13.51
CA ILE A 145 21.08 -9.52 -14.46
C ILE A 145 19.99 -10.36 -13.83
N LYS A 146 20.18 -10.78 -12.58
CA LYS A 146 19.15 -11.56 -11.90
C LYS A 146 17.87 -10.74 -11.72
N GLU A 147 18.02 -9.48 -11.31
CA GLU A 147 16.84 -8.63 -11.07
C GLU A 147 16.07 -8.40 -12.35
N LEU A 148 16.76 -8.05 -13.44
CA LEU A 148 16.09 -7.95 -14.72
C LEU A 148 15.41 -9.26 -15.09
N GLY A 149 16.06 -10.39 -14.75
CA GLY A 149 15.44 -11.68 -15.01
C GLY A 149 14.13 -11.85 -14.26
N ASP A 150 14.12 -11.48 -12.97
CA ASP A 150 12.91 -11.54 -12.18
C ASP A 150 11.83 -10.64 -12.76
N HIS A 151 12.20 -9.42 -13.14
CA HIS A 151 11.23 -8.48 -13.72
C HIS A 151 10.63 -9.04 -15.00
N VAL A 152 11.47 -9.52 -15.91
CA VAL A 152 10.98 -10.11 -17.15
C VAL A 152 10.04 -11.27 -16.84
N THR A 153 10.46 -12.16 -15.94
CA THR A 153 9.64 -13.31 -15.58
C THR A 153 8.25 -12.86 -15.12
N ASN A 154 8.22 -11.91 -14.17
CA ASN A 154 6.94 -11.49 -13.59
C ASN A 154 6.07 -10.78 -14.61
N LEU A 155 6.66 -9.85 -15.38
CA LEU A 155 5.88 -9.18 -16.41
C LEU A 155 5.27 -10.18 -17.39
N ARG A 156 6.02 -11.23 -17.74
N ARG A 156 6.01 -11.24 -17.72
CA ARG A 156 5.49 -12.23 -18.66
CA ARG A 156 5.48 -12.21 -18.66
C ARG A 156 4.36 -13.02 -18.02
C ARG A 156 4.38 -13.06 -18.03
N LYS A 157 4.57 -13.51 -16.79
CA LYS A 157 3.53 -14.28 -16.12
C LYS A 157 2.25 -13.46 -15.96
N MET A 158 2.40 -12.16 -15.68
CA MET A 158 1.25 -11.28 -15.47
C MET A 158 0.47 -11.04 -16.75
N GLY A 159 1.01 -11.39 -17.90
CA GLY A 159 0.33 -11.21 -19.16
C GLY A 159 0.86 -10.08 -20.03
N ALA A 160 2.07 -9.60 -19.79
CA ALA A 160 2.67 -8.57 -20.62
C ALA A 160 3.29 -9.20 -21.87
N PRO A 161 3.43 -8.40 -22.94
CA PRO A 161 3.04 -6.98 -22.92
C PRO A 161 1.63 -6.76 -23.44
N GLU A 162 0.95 -7.85 -23.83
CA GLU A 162 -0.40 -7.71 -24.37
C GLU A 162 -1.33 -7.03 -23.38
N SER A 163 -1.21 -7.36 -22.09
CA SER A 163 -2.07 -6.80 -21.06
C SER A 163 -1.45 -5.53 -20.51
N GLY A 164 -2.08 -4.39 -20.80
CA GLY A 164 -1.66 -3.14 -20.19
C GLY A 164 -1.92 -3.11 -18.69
N LEU A 165 -2.96 -3.83 -18.24
CA LEU A 165 -3.18 -3.99 -16.81
C LEU A 165 -1.97 -4.62 -16.13
N ALA A 166 -1.35 -5.62 -16.78
CA ALA A 166 -0.17 -6.25 -16.21
C ALA A 166 0.94 -5.24 -15.98
N GLU A 167 1.27 -4.43 -17.00
CA GLU A 167 2.36 -3.48 -16.84
C GLU A 167 1.99 -2.36 -15.87
N TYR A 168 0.71 -1.96 -15.82
CA TYR A 168 0.27 -0.98 -14.84
C TYR A 168 0.49 -1.50 -13.42
N LEU A 169 -0.03 -2.69 -13.13
CA LEU A 169 0.09 -3.23 -11.79
C LEU A 169 1.54 -3.50 -11.44
N PHE A 170 2.33 -3.98 -12.39
CA PHE A 170 3.75 -4.19 -12.14
C PHE A 170 4.43 -2.88 -11.79
N ASP A 171 4.14 -1.83 -12.56
CA ASP A 171 4.68 -0.50 -12.28
C ASP A 171 4.32 -0.04 -10.87
N LYS A 172 3.11 -0.40 -10.41
CA LYS A 172 2.66 0.04 -9.09
C LYS A 172 3.29 -0.79 -7.96
N HIS A 173 3.21 -2.12 -8.05
CA HIS A 173 3.54 -3.00 -6.94
C HIS A 173 4.98 -3.47 -6.92
N THR A 174 5.68 -3.44 -8.05
CA THR A 174 7.06 -3.86 -8.09
C THR A 174 8.03 -2.69 -8.22
N LEU A 175 7.85 -1.84 -9.23
CA LEU A 175 8.74 -0.70 -9.39
C LEU A 175 8.29 0.53 -8.63
N GLY A 176 7.07 0.52 -8.09
CA GLY A 176 6.55 1.64 -7.32
C GLY A 176 6.88 1.54 -5.84
N SER B 4 -0.19 10.85 -36.38
CA SER B 4 -0.31 10.56 -34.95
C SER B 4 0.18 11.74 -34.11
N THR B 5 -0.75 12.62 -33.75
CA THR B 5 -0.43 13.76 -32.90
C THR B 5 -0.75 13.44 -31.45
N SER B 6 0.13 13.86 -30.56
CA SER B 6 -0.05 13.59 -29.14
C SER B 6 -1.33 14.23 -28.62
N GLN B 7 -1.95 13.57 -27.65
CA GLN B 7 -3.16 14.11 -27.04
C GLN B 7 -2.88 15.37 -26.23
N VAL B 8 -1.64 15.58 -25.79
CA VAL B 8 -1.33 16.78 -25.02
C VAL B 8 -0.83 17.92 -25.90
N ARG B 9 -0.41 17.64 -27.13
CA ARG B 9 0.22 18.67 -27.95
C ARG B 9 -0.72 19.84 -28.18
N GLN B 10 -0.22 21.05 -27.95
CA GLN B 10 -1.01 22.26 -28.14
C GLN B 10 -0.05 23.42 -28.31
N ASN B 11 -0.11 24.09 -29.47
CA ASN B 11 0.70 25.27 -29.74
C ASN B 11 2.20 24.96 -29.72
N TYR B 12 2.57 23.73 -30.05
CA TYR B 12 3.96 23.28 -30.04
C TYR B 12 4.39 23.01 -31.49
N HIS B 13 5.18 23.92 -32.04
CA HIS B 13 5.58 23.81 -33.44
C HIS B 13 6.64 22.74 -33.62
N GLN B 14 6.59 22.06 -34.77
CA GLN B 14 7.57 21.01 -35.05
C GLN B 14 8.99 21.56 -35.06
N ASP B 15 9.17 22.80 -35.51
CA ASP B 15 10.48 23.43 -35.41
C ASP B 15 10.92 23.52 -33.95
N SER B 16 10.01 23.88 -33.06
CA SER B 16 10.34 23.91 -31.64
C SER B 16 10.73 22.52 -31.13
N GLU B 17 9.99 21.48 -31.54
CA GLU B 17 10.30 20.13 -31.10
C GLU B 17 11.70 19.70 -31.56
N ALA B 18 12.00 19.92 -32.85
CA ALA B 18 13.32 19.56 -33.36
C ALA B 18 14.41 20.38 -32.66
N ALA B 19 14.15 21.67 -32.43
CA ALA B 19 15.13 22.51 -31.75
C ALA B 19 15.39 22.02 -30.33
N ILE B 20 14.35 21.54 -29.65
CA ILE B 20 14.51 21.01 -28.30
C ILE B 20 15.34 19.73 -28.33
N ASN B 21 15.14 18.89 -29.35
CA ASN B 21 16.00 17.71 -29.47
C ASN B 21 17.46 18.10 -29.69
N ARG B 22 17.71 19.07 -30.57
CA ARG B 22 19.09 19.50 -30.80
C ARG B 22 19.69 20.10 -29.54
N GLN B 23 18.89 20.84 -28.77
CA GLN B 23 19.38 21.40 -27.52
C GLN B 23 19.69 20.30 -26.51
N ILE B 24 18.84 19.27 -26.44
CA ILE B 24 19.10 18.12 -25.57
C ILE B 24 20.48 17.53 -25.88
N ASN B 25 20.73 17.27 -27.17
CA ASN B 25 22.05 16.75 -27.52
C ASN B 25 23.15 17.70 -27.11
N LEU B 26 22.92 19.02 -27.28
CA LEU B 26 23.96 19.97 -26.90
C LEU B 26 24.26 19.91 -25.41
N GLU B 27 23.22 19.85 -24.58
CA GLU B 27 23.41 19.73 -23.13
C GLU B 27 24.21 18.47 -22.80
N LEU B 28 23.86 17.33 -23.41
CA LEU B 28 24.61 16.11 -23.15
C LEU B 28 26.08 16.26 -23.57
N TYR B 29 26.31 16.90 -24.72
CA TYR B 29 27.67 17.14 -25.17
C TYR B 29 28.45 17.95 -24.15
N ALA B 30 27.87 19.06 -23.68
CA ALA B 30 28.53 19.87 -22.67
C ALA B 30 28.85 19.05 -21.42
N SER B 31 27.89 18.25 -20.97
CA SER B 31 28.15 17.36 -19.83
C SER B 31 29.37 16.48 -20.09
N TYR B 32 29.48 15.94 -21.31
CA TYR B 32 30.62 15.10 -21.66
C TYR B 32 31.92 15.90 -21.61
N VAL B 33 31.91 17.11 -22.19
CA VAL B 33 33.08 17.99 -22.14
C VAL B 33 33.54 18.18 -20.71
N TYR B 34 32.60 18.55 -19.82
CA TYR B 34 32.96 18.80 -18.43
C TYR B 34 33.48 17.55 -17.75
N LEU B 35 32.90 16.40 -18.07
CA LEU B 35 33.43 15.13 -17.55
C LEU B 35 34.90 14.97 -17.94
N SER B 36 35.20 15.20 -19.22
CA SER B 36 36.57 15.07 -19.70
C SER B 36 37.50 16.01 -18.94
N MET B 37 37.12 17.29 -18.81
CA MET B 37 37.98 18.23 -18.10
C MET B 37 38.24 17.76 -16.67
N SER B 38 37.17 17.38 -15.96
CA SER B 38 37.32 16.94 -14.58
C SER B 38 38.37 15.84 -14.48
N TYR B 39 38.20 14.76 -15.25
CA TYR B 39 39.17 13.69 -15.08
C TYR B 39 40.51 14.00 -15.73
N TYR B 40 40.62 15.07 -16.52
CA TYR B 40 41.93 15.56 -16.90
C TYR B 40 42.66 16.14 -15.69
N PHE B 41 41.96 16.93 -14.87
CA PHE B 41 42.59 17.44 -13.67
C PHE B 41 42.72 16.38 -12.59
N ASP B 42 42.09 15.21 -12.75
CA ASP B 42 42.34 14.11 -11.83
C ASP B 42 43.67 13.39 -12.09
N ARG B 43 44.36 13.70 -13.17
CA ARG B 43 45.58 12.99 -13.52
C ARG B 43 46.70 13.27 -12.52
N ASP B 44 47.57 12.27 -12.33
CA ASP B 44 48.65 12.41 -11.37
C ASP B 44 49.65 13.48 -11.78
N ASP B 45 49.70 13.83 -13.06
CA ASP B 45 50.60 14.88 -13.54
C ASP B 45 49.88 16.21 -13.74
N VAL B 46 48.65 16.34 -13.25
CA VAL B 46 47.95 17.61 -13.19
C VAL B 46 47.54 17.83 -11.73
N ALA B 47 46.73 16.91 -11.20
CA ALA B 47 46.49 16.79 -9.76
C ALA B 47 45.96 18.10 -9.16
N LEU B 48 44.89 18.61 -9.76
CA LEU B 48 44.17 19.78 -9.24
C LEU B 48 42.78 19.30 -8.86
N LYS B 49 42.66 18.77 -7.64
CA LYS B 49 41.44 18.11 -7.23
C LYS B 49 40.24 19.05 -7.25
N ASN B 50 40.46 20.35 -7.01
CA ASN B 50 39.33 21.27 -6.97
C ASN B 50 38.89 21.68 -8.37
N PHE B 51 39.82 21.82 -9.30
CA PHE B 51 39.42 21.93 -10.71
C PHE B 51 38.62 20.71 -11.12
N ALA B 52 39.07 19.52 -10.70
CA ALA B 52 38.37 18.30 -11.05
C ALA B 52 36.94 18.30 -10.50
N LYS B 53 36.80 18.57 -9.19
CA LYS B 53 35.48 18.60 -8.58
C LYS B 53 34.59 19.65 -9.23
N TYR B 54 35.13 20.84 -9.49
CA TYR B 54 34.36 21.89 -10.14
C TYR B 54 33.81 21.41 -11.47
N PHE B 55 34.67 20.87 -12.34
CA PHE B 55 34.20 20.47 -13.66
C PHE B 55 33.29 19.25 -13.62
N LEU B 56 33.48 18.37 -12.64
CA LEU B 56 32.56 17.25 -12.47
C LEU B 56 31.15 17.75 -12.09
N HIS B 57 31.10 18.70 -11.14
CA HIS B 57 29.80 19.29 -10.78
C HIS B 57 29.15 19.94 -11.99
N GLN B 58 29.93 20.70 -12.78
CA GLN B 58 29.38 21.27 -14.00
C GLN B 58 28.84 20.18 -14.91
N SER B 59 29.53 19.05 -15.00
CA SER B 59 29.08 17.95 -15.85
C SER B 59 27.70 17.45 -15.41
N HIS B 60 27.54 17.17 -14.12
CA HIS B 60 26.25 16.73 -13.62
C HIS B 60 25.17 17.77 -13.85
N GLU B 61 25.51 19.05 -13.68
CA GLU B 61 24.54 20.11 -13.97
C GLU B 61 24.09 20.06 -15.42
N GLU B 62 25.04 19.96 -16.35
CA GLU B 62 24.71 19.83 -17.76
C GLU B 62 23.76 18.66 -17.99
N ARG B 63 24.04 17.52 -17.36
CA ARG B 63 23.13 16.40 -17.46
C ARG B 63 21.72 16.80 -17.02
N GLU B 64 21.60 17.54 -15.92
CA GLU B 64 20.28 18.01 -15.48
C GLU B 64 19.64 18.89 -16.55
N HIS B 65 20.41 19.79 -17.17
CA HIS B 65 19.88 20.61 -18.26
C HIS B 65 19.26 19.73 -19.33
N ALA B 66 19.99 18.69 -19.72
CA ALA B 66 19.48 17.79 -20.75
C ALA B 66 18.18 17.12 -20.31
N GLU B 67 18.19 16.49 -19.14
CA GLU B 67 17.02 15.74 -18.70
C GLU B 67 15.80 16.64 -18.54
N LYS B 68 16.02 17.88 -18.08
CA LYS B 68 14.91 18.82 -17.99
C LYS B 68 14.38 19.16 -19.37
N LEU B 69 15.27 19.29 -20.37
CA LEU B 69 14.79 19.52 -21.72
C LEU B 69 13.99 18.34 -22.26
N MET B 70 14.42 17.11 -21.94
CA MET B 70 13.66 15.93 -22.38
C MET B 70 12.30 15.87 -21.70
N LYS B 71 12.24 16.18 -20.41
CA LYS B 71 10.97 16.28 -19.71
C LYS B 71 10.08 17.31 -20.37
N LEU B 72 10.63 18.47 -20.72
CA LEU B 72 9.86 19.47 -21.44
C LEU B 72 9.28 18.90 -22.72
N GLN B 73 10.12 18.21 -23.50
CA GLN B 73 9.68 17.59 -24.75
C GLN B 73 8.46 16.70 -24.50
N ASN B 74 8.54 15.83 -23.48
CA ASN B 74 7.38 14.98 -23.22
C ASN B 74 6.17 15.79 -22.75
N GLN B 75 6.39 16.84 -21.94
CA GLN B 75 5.26 17.62 -21.44
C GLN B 75 4.49 18.28 -22.59
N ARG B 76 5.20 18.81 -23.57
CA ARG B 76 4.54 19.51 -24.66
C ARG B 76 4.02 18.58 -25.73
N GLY B 77 4.19 17.26 -25.55
CA GLY B 77 3.73 16.29 -26.53
C GLY B 77 4.71 16.01 -27.64
N GLY B 78 5.90 16.59 -27.60
CA GLY B 78 6.91 16.26 -28.57
C GLY B 78 7.47 14.87 -28.33
N ARG B 79 8.32 14.44 -29.26
CA ARG B 79 8.93 13.12 -29.21
C ARG B 79 10.44 13.28 -29.15
N ILE B 80 11.05 12.66 -28.13
CA ILE B 80 12.49 12.73 -27.95
C ILE B 80 13.18 11.83 -28.97
N PHE B 81 14.17 12.37 -29.67
CA PHE B 81 15.03 11.60 -30.56
C PHE B 81 16.48 11.92 -30.21
N LEU B 82 17.18 10.97 -29.61
CA LEU B 82 18.55 11.17 -29.17
C LEU B 82 19.52 10.88 -30.31
N GLN B 83 20.62 11.62 -30.34
CA GLN B 83 21.67 11.44 -31.32
C GLN B 83 22.98 11.14 -30.61
N ASP B 84 23.95 10.65 -31.37
CA ASP B 84 25.29 10.43 -30.83
C ASP B 84 25.75 11.65 -30.05
N ILE B 85 26.40 11.40 -28.92
CA ILE B 85 27.05 12.46 -28.15
C ILE B 85 28.50 12.49 -28.60
N GLN B 86 28.90 13.56 -29.29
CA GLN B 86 30.24 13.65 -29.83
C GLN B 86 31.25 13.80 -28.70
N LYS B 87 32.42 13.17 -28.87
CA LYS B 87 33.47 13.28 -27.88
C LYS B 87 34.01 14.72 -27.87
N PRO B 88 34.59 15.16 -26.75
CA PRO B 88 35.10 16.53 -26.68
C PRO B 88 36.20 16.76 -27.71
N ASP B 89 36.44 18.03 -28.00
CA ASP B 89 37.48 18.40 -28.97
C ASP B 89 38.88 18.09 -28.46
N GLU B 90 39.05 17.92 -27.16
CA GLU B 90 40.35 17.71 -26.56
C GLU B 90 40.32 16.52 -25.62
N ASP B 91 41.43 15.80 -25.56
CA ASP B 91 41.66 14.83 -24.51
C ASP B 91 42.53 15.39 -23.40
N ASP B 92 43.43 16.31 -23.75
CA ASP B 92 44.34 16.97 -22.82
C ASP B 92 43.99 18.44 -22.83
N TRP B 93 43.60 18.97 -21.67
CA TRP B 93 43.10 20.34 -21.58
C TRP B 93 44.17 21.35 -21.18
N GLU B 94 45.43 20.93 -21.13
CA GLU B 94 46.57 21.84 -20.99
C GLU B 94 46.76 22.38 -19.58
N SER B 95 45.76 23.06 -19.04
CA SER B 95 45.91 23.75 -17.76
C SER B 95 44.54 24.18 -17.26
N GLY B 96 44.50 24.61 -16.00
CA GLY B 96 43.26 25.11 -15.43
C GLY B 96 42.75 26.35 -16.12
N LEU B 97 43.65 27.29 -16.42
CA LEU B 97 43.24 28.50 -17.14
C LEU B 97 42.63 28.14 -18.49
N ASN B 98 43.31 27.28 -19.26
CA ASN B 98 42.82 26.93 -20.58
C ASN B 98 41.51 26.16 -20.49
N ALA B 99 41.36 25.32 -19.47
CA ALA B 99 40.09 24.63 -19.26
C ALA B 99 38.98 25.63 -18.97
N MET B 100 39.25 26.63 -18.14
CA MET B 100 38.24 27.63 -17.85
C MET B 100 37.86 28.38 -19.12
N GLU B 101 38.84 28.70 -19.97
CA GLU B 101 38.53 29.41 -21.21
C GLU B 101 37.70 28.54 -22.16
N ALA B 102 38.06 27.26 -22.29
CA ALA B 102 37.27 26.38 -23.13
C ALA B 102 35.85 26.23 -22.61
N ALA B 103 35.70 26.20 -21.28
CA ALA B 103 34.36 26.12 -20.68
C ALA B 103 33.57 27.39 -20.91
N LEU B 104 34.21 28.55 -20.81
CA LEU B 104 33.55 29.80 -21.14
C LEU B 104 33.07 29.80 -22.59
N HIS B 105 33.94 29.38 -23.50
CA HIS B 105 33.57 29.31 -24.91
C HIS B 105 32.37 28.38 -25.11
N LEU B 106 32.44 27.18 -24.55
CA LEU B 106 31.33 26.24 -24.65
C LEU B 106 30.04 26.85 -24.11
N GLU B 107 30.12 27.47 -22.92
CA GLU B 107 28.93 28.05 -22.32
C GLU B 107 28.36 29.16 -23.19
N LYS B 108 29.21 29.89 -23.91
CA LYS B 108 28.70 30.92 -24.81
C LYS B 108 28.04 30.29 -26.05
N ASN B 109 28.53 29.14 -26.50
CA ASN B 109 27.83 28.42 -27.57
C ASN B 109 26.46 27.92 -27.10
N VAL B 110 26.41 27.34 -25.90
CA VAL B 110 25.13 26.84 -25.39
C VAL B 110 24.16 27.99 -25.19
N ASN B 111 24.65 29.13 -24.69
CA ASN B 111 23.76 30.27 -24.50
C ASN B 111 23.28 30.80 -25.85
N GLN B 112 24.16 30.82 -26.86
CA GLN B 112 23.72 31.24 -28.18
C GLN B 112 22.62 30.32 -28.70
N SER B 113 22.75 29.01 -28.45
CA SER B 113 21.73 28.08 -28.89
C SER B 113 20.42 28.31 -28.15
N LEU B 114 20.48 28.53 -26.83
CA LEU B 114 19.26 28.79 -26.08
C LEU B 114 18.60 30.09 -26.52
N LEU B 115 19.40 31.10 -26.91
CA LEU B 115 18.83 32.34 -27.40
C LEU B 115 18.16 32.15 -28.76
N GLU B 116 18.75 31.34 -29.64
CA GLU B 116 18.09 31.03 -30.90
C GLU B 116 16.81 30.24 -30.65
N LEU B 117 16.83 29.34 -29.66
CA LEU B 117 15.63 28.58 -29.32
C LEU B 117 14.53 29.51 -28.80
N HIS B 118 14.91 30.48 -27.97
CA HIS B 118 13.93 31.42 -27.46
C HIS B 118 13.38 32.30 -28.56
N LYS B 119 14.24 32.74 -29.48
CA LYS B 119 13.76 33.50 -30.64
C LYS B 119 12.81 32.66 -31.47
N LEU B 120 13.06 31.35 -31.56
CA LEU B 120 12.14 30.46 -32.27
C LEU B 120 10.79 30.39 -31.55
N ALA B 121 10.80 30.21 -30.23
CA ALA B 121 9.54 30.14 -29.50
C ALA B 121 8.77 31.46 -29.64
N HIS B 122 9.47 32.58 -29.60
CA HIS B 122 8.81 33.87 -29.78
C HIS B 122 8.18 33.96 -31.17
N ASP B 123 8.96 33.64 -32.20
CA ASP B 123 8.42 33.74 -33.56
C ASP B 123 7.26 32.78 -33.78
N LYS B 124 7.26 31.64 -33.10
CA LYS B 124 6.17 30.68 -33.20
C LYS B 124 5.07 30.96 -32.19
N ASN B 125 5.13 32.09 -31.49
CA ASN B 125 4.15 32.43 -30.45
C ASN B 125 3.99 31.28 -29.46
N ASP B 126 5.12 30.81 -28.95
CA ASP B 126 5.10 29.76 -27.94
C ASP B 126 5.51 30.38 -26.60
N PRO B 127 4.61 31.11 -25.95
CA PRO B 127 4.98 31.78 -24.69
C PRO B 127 5.38 30.83 -23.59
N HIS B 128 4.76 29.64 -23.51
CA HIS B 128 5.17 28.69 -22.48
C HIS B 128 6.61 28.26 -22.69
N LEU B 129 7.00 27.99 -23.94
CA LEU B 129 8.37 27.57 -24.20
C LEU B 129 9.34 28.72 -23.98
N ALA B 130 8.98 29.93 -24.43
CA ALA B 130 9.83 31.08 -24.18
C ALA B 130 10.06 31.29 -22.69
N ASP B 131 9.01 31.14 -21.89
CA ASP B 131 9.13 31.28 -20.45
C ASP B 131 9.90 30.13 -19.82
N PHE B 132 9.80 28.93 -20.38
CA PHE B 132 10.62 27.82 -19.92
C PHE B 132 12.10 28.12 -20.11
N ILE B 133 12.49 28.60 -21.29
CA ILE B 133 13.88 28.98 -21.53
C ILE B 133 14.29 30.14 -20.62
N GLU B 134 13.45 31.18 -20.56
CA GLU B 134 13.77 32.33 -19.72
C GLU B 134 14.00 31.92 -18.28
N THR B 135 13.08 31.13 -17.73
CA THR B 135 13.08 30.84 -16.32
C THR B 135 14.17 29.82 -15.95
N HIS B 136 14.39 28.82 -16.80
CA HIS B 136 15.24 27.70 -16.41
C HIS B 136 16.63 27.73 -17.03
N TYR B 137 16.87 28.55 -18.05
CA TYR B 137 18.15 28.42 -18.72
C TYR B 137 18.87 29.75 -18.93
N LEU B 138 18.15 30.82 -19.27
CA LEU B 138 18.83 32.05 -19.69
C LEU B 138 19.70 32.62 -18.57
N ASN B 139 19.11 32.85 -17.39
CA ASN B 139 19.91 33.43 -16.31
C ASN B 139 20.97 32.46 -15.81
N GLU B 140 20.63 31.18 -15.67
CA GLU B 140 21.67 30.21 -15.32
C GLU B 140 22.87 30.35 -16.26
N GLN B 141 22.60 30.56 -17.54
CA GLN B 141 23.68 30.74 -18.51
C GLN B 141 24.45 32.03 -18.23
N VAL B 142 23.74 33.12 -17.94
CA VAL B 142 24.44 34.37 -17.67
C VAL B 142 25.34 34.23 -16.45
N LYS B 143 24.85 33.55 -15.41
CA LYS B 143 25.64 33.36 -14.20
C LYS B 143 26.85 32.47 -14.48
N ALA B 144 26.66 31.39 -15.23
CA ALA B 144 27.79 30.51 -15.53
C ALA B 144 28.86 31.25 -16.32
N ILE B 145 28.44 32.08 -17.29
CA ILE B 145 29.38 32.84 -18.09
C ILE B 145 30.10 33.89 -17.24
N LYS B 146 29.38 34.56 -16.34
CA LYS B 146 30.02 35.53 -15.47
C LYS B 146 31.02 34.85 -14.54
N GLU B 147 30.66 33.70 -13.98
CA GLU B 147 31.55 32.99 -13.08
C GLU B 147 32.81 32.52 -13.80
N LEU B 148 32.65 31.89 -14.97
CA LEU B 148 33.83 31.52 -15.75
C LEU B 148 34.67 32.73 -16.10
N GLY B 149 34.03 33.85 -16.42
CA GLY B 149 34.78 35.07 -16.70
C GLY B 149 35.61 35.51 -15.50
N ASP B 150 35.01 35.50 -14.30
CA ASP B 150 35.76 35.85 -13.10
C ASP B 150 36.94 34.91 -12.90
N HIS B 151 36.71 33.60 -13.07
CA HIS B 151 37.79 32.63 -12.89
C HIS B 151 38.94 32.88 -13.87
N VAL B 152 38.61 33.06 -15.15
CA VAL B 152 39.63 33.36 -16.15
C VAL B 152 40.39 34.61 -15.77
N THR B 153 39.67 35.68 -15.42
CA THR B 153 40.34 36.92 -15.05
C THR B 153 41.33 36.70 -13.91
N ASN B 154 40.89 36.01 -12.85
CA ASN B 154 41.75 35.84 -11.69
C ASN B 154 42.96 34.97 -12.01
N LEU B 155 42.75 33.85 -12.71
CA LEU B 155 43.89 33.01 -13.07
C LEU B 155 44.92 33.81 -13.86
N ARG B 156 44.45 34.54 -14.89
N ARG B 156 44.46 34.51 -14.91
CA ARG B 156 45.35 35.36 -15.68
CA ARG B 156 45.36 35.37 -15.67
C ARG B 156 46.12 36.35 -14.79
C ARG B 156 46.13 36.31 -14.75
N LYS B 157 45.40 37.06 -13.91
CA LYS B 157 46.04 38.05 -13.06
C LYS B 157 47.06 37.40 -12.14
N MET B 158 46.77 36.19 -11.66
CA MET B 158 47.69 35.45 -10.81
C MET B 158 48.89 34.93 -11.56
N GLY B 159 48.86 34.92 -12.87
CA GLY B 159 49.99 34.49 -13.66
C GLY B 159 49.86 33.13 -14.33
N ALA B 160 48.65 32.61 -14.52
CA ALA B 160 48.47 31.36 -15.19
C ALA B 160 48.54 31.57 -16.70
N PRO B 161 48.88 30.51 -17.45
CA PRO B 161 49.19 29.20 -16.87
C PRO B 161 50.68 29.01 -16.61
N GLU B 162 51.48 30.04 -16.91
CA GLU B 162 52.92 29.95 -16.72
C GLU B 162 53.27 29.63 -15.27
N SER B 163 52.56 30.24 -14.33
CA SER B 163 52.81 30.02 -12.91
C SER B 163 51.97 28.85 -12.42
N GLY B 164 52.62 27.73 -12.12
CA GLY B 164 51.92 26.62 -11.50
C GLY B 164 51.46 26.95 -10.09
N LEU B 165 52.20 27.81 -9.40
CA LEU B 165 51.76 28.33 -8.12
C LEU B 165 50.41 29.02 -8.24
N ALA B 166 50.20 29.77 -9.32
CA ALA B 166 48.92 30.44 -9.53
C ALA B 166 47.77 29.45 -9.57
N GLU B 167 47.89 28.41 -10.39
CA GLU B 167 46.79 27.45 -10.50
C GLU B 167 46.62 26.64 -9.22
N TYR B 168 47.72 26.34 -8.52
CA TYR B 168 47.61 25.66 -7.23
C TYR B 168 46.83 26.50 -6.23
N LEU B 169 47.24 27.76 -6.04
CA LEU B 169 46.58 28.61 -5.07
C LEU B 169 45.14 28.90 -5.47
N PHE B 170 44.89 29.10 -6.76
CA PHE B 170 43.53 29.30 -7.22
C PHE B 170 42.67 28.08 -6.90
N ASP B 171 43.21 26.89 -7.19
CA ASP B 171 42.51 25.66 -6.85
C ASP B 171 42.20 25.61 -5.35
N LYS B 172 43.10 26.13 -4.51
CA LYS B 172 42.89 26.07 -3.07
C LYS B 172 41.88 27.09 -2.58
N HIS B 173 42.07 28.36 -2.94
CA HIS B 173 41.35 29.47 -2.32
C HIS B 173 40.07 29.85 -3.04
N THR B 174 39.93 29.52 -4.33
CA THR B 174 38.74 29.86 -5.09
C THR B 174 37.83 28.67 -5.33
N LEU B 175 38.37 27.57 -5.86
CA LEU B 175 37.56 26.39 -6.13
C LEU B 175 37.43 25.47 -4.93
N GLY B 176 38.19 25.70 -3.86
CA GLY B 176 38.09 24.89 -2.66
C GLY B 176 37.05 25.39 -1.69
N ASP B 177 36.79 26.70 -1.71
CA ASP B 177 35.83 27.31 -0.80
C ASP B 177 34.41 27.28 -1.38
N SER C 4 -17.36 -33.00 1.41
CA SER C 4 -17.17 -31.56 1.56
C SER C 4 -16.42 -31.18 2.81
N THR C 5 -15.99 -32.20 3.58
CA THR C 5 -15.20 -31.96 4.79
C THR C 5 -14.13 -30.90 4.53
N SER C 6 -13.91 -30.06 5.53
CA SER C 6 -12.97 -28.96 5.37
C SER C 6 -11.58 -29.48 5.05
N GLN C 7 -10.83 -28.68 4.28
CA GLN C 7 -9.46 -29.03 3.94
C GLN C 7 -8.56 -29.01 5.17
N VAL C 8 -8.93 -28.27 6.21
CA VAL C 8 -8.12 -28.21 7.42
C VAL C 8 -8.55 -29.25 8.45
N ARG C 9 -9.73 -29.85 8.31
CA ARG C 9 -10.28 -30.71 9.36
C ARG C 9 -9.37 -31.90 9.62
N GLN C 10 -9.04 -32.12 10.88
CA GLN C 10 -8.17 -33.24 11.25
C GLN C 10 -8.43 -33.59 12.71
N ASN C 11 -8.84 -34.83 12.96
CA ASN C 11 -9.07 -35.34 14.31
C ASN C 11 -10.18 -34.57 15.03
N TYR C 12 -11.11 -33.99 14.27
CA TYR C 12 -12.21 -33.18 14.81
C TYR C 12 -13.52 -33.92 14.61
N HIS C 13 -14.06 -34.49 15.68
CA HIS C 13 -15.26 -35.31 15.60
C HIS C 13 -16.50 -34.44 15.44
N GLN C 14 -17.49 -34.97 14.71
CA GLN C 14 -18.73 -34.25 14.52
C GLN C 14 -19.42 -33.96 15.84
N ASP C 15 -19.32 -34.88 16.80
CA ASP C 15 -19.87 -34.59 18.13
C ASP C 15 -19.19 -33.38 18.74
N SER C 16 -17.87 -33.28 18.62
CA SER C 16 -17.16 -32.11 19.13
C SER C 16 -17.65 -30.84 18.44
N GLU C 17 -17.86 -30.90 17.12
CA GLU C 17 -18.34 -29.73 16.39
C GLU C 17 -19.70 -29.27 16.89
N ALA C 18 -20.63 -30.22 17.06
CA ALA C 18 -21.97 -29.87 17.54
C ALA C 18 -21.90 -29.31 18.96
N ALA C 19 -21.09 -29.92 19.82
CA ALA C 19 -20.96 -29.43 21.18
C ALA C 19 -20.39 -28.03 21.21
N ILE C 20 -19.46 -27.72 20.29
CA ILE C 20 -18.91 -26.37 20.22
C ILE C 20 -19.98 -25.37 19.78
N ASN C 21 -20.85 -25.78 18.85
CA ASN C 21 -21.96 -24.90 18.47
C ASN C 21 -22.89 -24.65 19.66
N ARG C 22 -23.25 -25.70 20.39
CA ARG C 22 -24.10 -25.52 21.55
C ARG C 22 -23.44 -24.63 22.59
N GLN C 23 -22.12 -24.78 22.78
CA GLN C 23 -21.40 -23.94 23.72
C GLN C 23 -21.42 -22.49 23.26
N ILE C 24 -21.28 -22.26 21.95
CA ILE C 24 -21.38 -20.91 21.42
C ILE C 24 -22.71 -20.28 21.81
N ASN C 25 -23.81 -20.99 21.56
CA ASN C 25 -25.12 -20.48 21.93
C ASN C 25 -25.19 -20.20 23.44
N LEU C 26 -24.62 -21.09 24.25
CA LEU C 26 -24.66 -20.87 25.70
C LEU C 26 -23.92 -19.60 26.10
N GLU C 27 -22.73 -19.38 25.54
CA GLU C 27 -21.98 -18.16 25.83
C GLU C 27 -22.78 -16.92 25.44
N LEU C 28 -23.38 -16.93 24.24
CA LEU C 28 -24.19 -15.77 23.84
C LEU C 28 -25.36 -15.56 24.79
N TYR C 29 -26.00 -16.65 25.21
CA TYR C 29 -27.08 -16.54 26.18
C TYR C 29 -26.60 -15.87 27.45
N ALA C 30 -25.47 -16.34 28.00
CA ALA C 30 -24.93 -15.73 29.20
C ALA C 30 -24.70 -14.24 29.00
N SER C 31 -24.11 -13.87 27.85
CA SER C 31 -23.93 -12.45 27.56
C SER C 31 -25.27 -11.71 27.64
N TYR C 32 -26.33 -12.30 27.09
CA TYR C 32 -27.64 -11.67 27.14
C TYR C 32 -28.13 -11.52 28.58
N VAL C 33 -27.97 -12.56 29.39
CA VAL C 33 -28.35 -12.51 30.80
C VAL C 33 -27.66 -11.34 31.49
N TYR C 34 -26.33 -11.24 31.32
CA TYR C 34 -25.57 -10.20 31.98
C TYR C 34 -25.98 -8.81 31.49
N LEU C 35 -26.28 -8.67 30.20
CA LEU C 35 -26.80 -7.40 29.69
C LEU C 35 -28.09 -7.04 30.43
N SER C 36 -28.99 -8.00 30.55
CA SER C 36 -30.26 -7.77 31.23
C SER C 36 -30.03 -7.30 32.66
N MET C 37 -29.19 -8.00 33.41
CA MET C 37 -28.91 -7.61 34.79
C MET C 37 -28.36 -6.18 34.84
N SER C 38 -27.36 -5.91 34.01
CA SER C 38 -26.74 -4.59 33.98
C SER C 38 -27.79 -3.50 33.87
N TYR C 39 -28.62 -3.58 32.83
CA TYR C 39 -29.58 -2.49 32.69
C TYR C 39 -30.72 -2.57 33.68
N TYR C 40 -30.87 -3.68 34.41
CA TYR C 40 -31.76 -3.67 35.56
C TYR C 40 -31.21 -2.78 36.67
N PHE C 41 -29.91 -2.87 36.95
CA PHE C 41 -29.34 -1.96 37.93
C PHE C 41 -29.18 -0.54 37.38
N ASP C 42 -29.35 -0.35 36.07
CA ASP C 42 -29.40 1.00 35.55
C ASP C 42 -30.73 1.69 35.78
N ARG C 43 -31.74 0.98 36.28
CA ARG C 43 -33.06 1.57 36.45
C ARG C 43 -33.04 2.66 37.52
N ASP C 44 -33.93 3.65 37.34
CA ASP C 44 -34.00 4.76 38.27
C ASP C 44 -34.45 4.31 39.66
N ASP C 45 -35.15 3.18 39.75
CA ASP C 45 -35.61 2.64 41.02
C ASP C 45 -34.70 1.52 41.54
N VAL C 46 -33.52 1.35 40.96
CA VAL C 46 -32.52 0.46 41.50
C VAL C 46 -31.24 1.27 41.67
N ALA C 47 -30.72 1.81 40.57
CA ALA C 47 -29.67 2.82 40.59
C ALA C 47 -28.44 2.35 41.36
N LEU C 48 -27.91 1.20 40.95
CA LEU C 48 -26.66 0.65 41.48
C LEU C 48 -25.68 0.64 40.31
N LYS C 49 -25.04 1.78 40.11
CA LYS C 49 -24.24 2.01 38.90
C LYS C 49 -23.09 1.02 38.79
N ASN C 50 -22.54 0.59 39.92
CA ASN C 50 -21.40 -0.33 39.88
C ASN C 50 -21.84 -1.77 39.65
N PHE C 51 -22.99 -2.17 40.18
CA PHE C 51 -23.58 -3.44 39.75
C PHE C 51 -23.83 -3.44 38.25
N ALA C 52 -24.34 -2.32 37.73
CA ALA C 52 -24.60 -2.21 36.30
C ALA C 52 -23.30 -2.37 35.51
N LYS C 53 -22.28 -1.60 35.86
CA LYS C 53 -21.00 -1.68 35.15
C LYS C 53 -20.42 -3.09 35.23
N TYR C 54 -20.47 -3.69 36.42
CA TYR C 54 -19.95 -5.04 36.60
C TYR C 54 -20.62 -6.02 35.64
N PHE C 55 -21.95 -6.04 35.62
CA PHE C 55 -22.63 -7.03 34.79
C PHE C 55 -22.51 -6.69 33.31
N LEU C 56 -22.35 -5.43 32.96
CA LEU C 56 -22.08 -5.08 31.57
C LEU C 56 -20.72 -5.62 31.12
N HIS C 57 -19.70 -5.45 31.96
CA HIS C 57 -18.39 -6.03 31.65
C HIS C 57 -18.48 -7.54 31.51
N GLN C 58 -19.18 -8.21 32.44
CA GLN C 58 -19.38 -9.65 32.31
C GLN C 58 -20.06 -10.00 30.99
N SER C 59 -21.04 -9.21 30.58
CA SER C 59 -21.73 -9.46 29.32
C SER C 59 -20.76 -9.41 28.15
N HIS C 60 -19.95 -8.35 28.08
CA HIS C 60 -18.98 -8.25 26.99
C HIS C 60 -17.99 -9.41 27.02
N GLU C 61 -17.58 -9.84 28.21
CA GLU C 61 -16.67 -10.97 28.29
C GLU C 61 -17.34 -12.24 27.77
N GLU C 62 -18.63 -12.44 28.09
CA GLU C 62 -19.35 -13.56 27.50
C GLU C 62 -19.32 -13.49 25.99
N ARG C 63 -19.53 -12.29 25.41
CA ARG C 63 -19.42 -12.15 23.97
C ARG C 63 -18.05 -12.60 23.47
N GLU C 64 -16.99 -12.24 24.19
CA GLU C 64 -15.66 -12.70 23.80
C GLU C 64 -15.55 -14.22 23.86
N HIS C 65 -16.11 -14.85 24.90
CA HIS C 65 -16.14 -16.30 24.97
C HIS C 65 -16.79 -16.90 23.73
N ALA C 66 -17.94 -16.35 23.34
CA ALA C 66 -18.63 -16.85 22.15
C ALA C 66 -17.74 -16.72 20.91
N GLU C 67 -17.21 -15.51 20.68
CA GLU C 67 -16.42 -15.28 19.47
C GLU C 67 -15.18 -16.17 19.43
N LYS C 68 -14.56 -16.42 20.59
CA LYS C 68 -13.43 -17.34 20.63
C LYS C 68 -13.86 -18.75 20.25
N LEU C 69 -15.04 -19.19 20.71
CA LEU C 69 -15.51 -20.52 20.33
C LEU C 69 -15.82 -20.59 18.83
N MET C 70 -16.36 -19.52 18.25
CA MET C 70 -16.62 -19.52 16.81
C MET C 70 -15.31 -19.56 16.01
N LYS C 71 -14.32 -18.79 16.47
CA LYS C 71 -12.99 -18.88 15.87
C LYS C 71 -12.44 -20.29 15.95
N LEU C 72 -12.57 -20.93 17.11
CA LEU C 72 -12.13 -22.33 17.26
C LEU C 72 -12.80 -23.21 16.22
N GLN C 73 -14.12 -23.09 16.08
CA GLN C 73 -14.85 -23.87 15.10
C GLN C 73 -14.24 -23.71 13.71
N ASN C 74 -14.03 -22.45 13.28
CA ASN C 74 -13.46 -22.24 11.96
C ASN C 74 -12.03 -22.78 11.85
N GLN C 75 -11.25 -22.67 12.93
CA GLN C 75 -9.88 -23.15 12.90
C GLN C 75 -9.83 -24.66 12.67
N ARG C 76 -10.74 -25.41 13.33
CA ARG C 76 -10.72 -26.86 13.25
C ARG C 76 -11.46 -27.40 12.02
N GLY C 77 -12.01 -26.53 11.18
CA GLY C 77 -12.74 -27.00 10.02
C GLY C 77 -14.21 -27.30 10.26
N GLY C 78 -14.71 -27.04 11.47
CA GLY C 78 -16.12 -27.17 11.73
C GLY C 78 -16.91 -26.07 11.07
N ARG C 79 -18.23 -26.19 11.13
CA ARG C 79 -19.14 -25.23 10.53
C ARG C 79 -20.03 -24.63 11.61
N ILE C 80 -20.02 -23.30 11.69
CA ILE C 80 -20.82 -22.58 12.67
C ILE C 80 -22.28 -22.62 12.27
N PHE C 81 -23.14 -23.02 13.20
CA PHE C 81 -24.59 -22.95 13.01
C PHE C 81 -25.17 -22.25 14.23
N LEU C 82 -25.63 -21.01 14.03
CA LEU C 82 -26.13 -20.20 15.13
C LEU C 82 -27.60 -20.52 15.38
N GLN C 83 -28.00 -20.44 16.64
CA GLN C 83 -29.38 -20.69 17.04
C GLN C 83 -29.93 -19.47 17.76
N ASP C 84 -31.25 -19.45 17.90
CA ASP C 84 -31.89 -18.38 18.67
C ASP C 84 -31.18 -18.19 20.00
N ILE C 85 -31.04 -16.93 20.40
CA ILE C 85 -30.54 -16.60 21.72
C ILE C 85 -31.74 -16.40 22.62
N GLN C 86 -31.94 -17.31 23.57
CA GLN C 86 -33.10 -17.22 24.45
C GLN C 86 -32.96 -16.03 25.38
N LYS C 87 -34.09 -15.36 25.63
CA LYS C 87 -34.08 -14.26 26.56
C LYS C 87 -33.83 -14.77 27.98
N PRO C 88 -33.28 -13.93 28.86
CA PRO C 88 -33.01 -14.40 30.23
C PRO C 88 -34.29 -14.83 30.93
N ASP C 89 -34.11 -15.62 31.99
CA ASP C 89 -35.24 -16.13 32.75
C ASP C 89 -35.99 -15.04 33.49
N GLU C 90 -35.37 -13.89 33.72
CA GLU C 90 -35.97 -12.80 34.49
C GLU C 90 -35.84 -11.48 33.75
N ASP C 91 -36.82 -10.62 33.94
CA ASP C 91 -36.72 -9.22 33.56
C ASP C 91 -36.36 -8.32 34.73
N ASP C 92 -36.78 -8.70 35.92
CA ASP C 92 -36.52 -7.97 37.16
C ASP C 92 -35.69 -8.87 38.05
N TRP C 93 -34.49 -8.42 38.41
CA TRP C 93 -33.54 -9.24 39.14
C TRP C 93 -33.58 -9.00 40.65
N GLU C 94 -34.55 -8.23 41.13
CA GLU C 94 -34.84 -8.14 42.55
C GLU C 94 -33.82 -7.28 43.31
N SER C 95 -32.54 -7.67 43.25
CA SER C 95 -31.54 -7.01 44.08
C SER C 95 -30.15 -7.40 43.59
N GLY C 96 -29.14 -6.70 44.10
CA GLY C 96 -27.77 -7.03 43.77
C GLY C 96 -27.37 -8.42 44.26
N LEU C 97 -27.78 -8.77 45.48
CA LEU C 97 -27.51 -10.12 45.98
C LEU C 97 -28.12 -11.17 45.07
N ASN C 98 -29.40 -11.00 44.72
CA ASN C 98 -30.08 -11.99 43.89
C ASN C 98 -29.47 -12.05 42.50
N ALA C 99 -29.05 -10.91 41.96
CA ALA C 99 -28.36 -10.91 40.67
C ALA C 99 -27.05 -11.68 40.77
N MET C 100 -26.30 -11.48 41.85
CA MET C 100 -25.05 -12.21 42.03
C MET C 100 -25.31 -13.71 42.14
N GLU C 101 -26.36 -14.10 42.87
CA GLU C 101 -26.65 -15.53 43.02
C GLU C 101 -27.07 -16.15 41.68
N ALA C 102 -27.92 -15.45 40.93
CA ALA C 102 -28.29 -15.96 39.61
C ALA C 102 -27.08 -16.05 38.69
N ALA C 103 -26.16 -15.10 38.81
CA ALA C 103 -24.95 -15.14 37.99
C ALA C 103 -24.05 -16.31 38.38
N LEU C 104 -23.93 -16.56 39.68
CA LEU C 104 -23.19 -17.74 40.15
C LEU C 104 -23.80 -19.02 39.59
N HIS C 105 -25.13 -19.14 39.68
CA HIS C 105 -25.81 -20.31 39.15
C HIS C 105 -25.53 -20.49 37.65
N LEU C 106 -25.73 -19.40 36.88
CA LEU C 106 -25.46 -19.44 35.45
C LEU C 106 -24.02 -19.85 35.17
N GLU C 107 -23.06 -19.24 35.87
CA GLU C 107 -21.66 -19.56 35.63
C GLU C 107 -21.35 -21.02 35.95
N LYS C 108 -22.04 -21.59 36.95
CA LYS C 108 -21.83 -23.01 37.23
C LYS C 108 -22.45 -23.89 36.15
N ASN C 109 -23.56 -23.46 35.55
CA ASN C 109 -24.09 -24.17 34.39
C ASN C 109 -23.11 -24.13 33.23
N VAL C 110 -22.56 -22.95 32.94
CA VAL C 110 -21.61 -22.82 31.84
C VAL C 110 -20.36 -23.66 32.10
N ASN C 111 -19.90 -23.68 33.36
CA ASN C 111 -18.73 -24.47 33.69
C ASN C 111 -19.04 -25.96 33.57
N GLN C 112 -20.25 -26.37 33.91
CA GLN C 112 -20.64 -27.76 33.73
C GLN C 112 -20.66 -28.15 32.27
N SER C 113 -21.19 -27.25 31.42
CA SER C 113 -21.17 -27.49 29.98
C SER C 113 -19.74 -27.59 29.45
N LEU C 114 -18.86 -26.69 29.91
CA LEU C 114 -17.47 -26.75 29.45
C LEU C 114 -16.77 -28.02 29.93
N LEU C 115 -17.11 -28.50 31.13
CA LEU C 115 -16.52 -29.74 31.61
C LEU C 115 -17.00 -30.93 30.77
N GLU C 116 -18.28 -30.92 30.39
CA GLU C 116 -18.77 -31.96 29.49
C GLU C 116 -18.08 -31.85 28.13
N LEU C 117 -17.79 -30.62 27.68
CA LEU C 117 -17.07 -30.43 26.43
C LEU C 117 -15.66 -31.00 26.52
N HIS C 118 -14.96 -30.75 27.63
CA HIS C 118 -13.61 -31.25 27.75
C HIS C 118 -13.62 -32.77 27.84
N LYS C 119 -14.50 -33.33 28.66
CA LYS C 119 -14.63 -34.79 28.71
C LYS C 119 -14.89 -35.35 27.32
N LEU C 120 -15.71 -34.66 26.52
CA LEU C 120 -15.98 -35.12 25.17
C LEU C 120 -14.72 -35.12 24.31
N ALA C 121 -13.93 -34.03 24.39
CA ALA C 121 -12.69 -33.98 23.63
C ALA C 121 -11.73 -35.09 24.06
N HIS C 122 -11.68 -35.36 25.37
CA HIS C 122 -10.85 -36.46 25.88
C HIS C 122 -11.31 -37.80 25.32
N ASP C 123 -12.61 -38.08 25.41
CA ASP C 123 -13.12 -39.35 24.92
C ASP C 123 -12.95 -39.49 23.42
N LYS C 124 -12.98 -38.38 22.69
CA LYS C 124 -12.72 -38.39 21.26
C LYS C 124 -11.25 -38.23 20.92
N ASN C 125 -10.36 -38.30 21.91
CA ASN C 125 -8.92 -38.13 21.70
C ASN C 125 -8.64 -36.86 20.92
N ASP C 126 -9.20 -35.75 21.40
CA ASP C 126 -8.92 -34.45 20.78
C ASP C 126 -8.09 -33.60 21.74
N PRO C 127 -6.80 -33.86 21.85
CA PRO C 127 -5.98 -33.10 22.81
C PRO C 127 -5.94 -31.61 22.53
N HIS C 128 -5.99 -31.21 21.26
CA HIS C 128 -6.03 -29.78 20.97
C HIS C 128 -7.28 -29.12 21.55
N LEU C 129 -8.43 -29.78 21.43
CA LEU C 129 -9.65 -29.23 21.99
C LEU C 129 -9.62 -29.25 23.52
N ALA C 130 -9.15 -30.35 24.10
CA ALA C 130 -9.04 -30.40 25.56
C ALA C 130 -8.14 -29.29 26.09
N ASP C 131 -7.03 -29.02 25.39
CA ASP C 131 -6.14 -27.95 25.81
C ASP C 131 -6.74 -26.58 25.55
N PHE C 132 -7.54 -26.44 24.49
CA PHE C 132 -8.25 -25.18 24.27
C PHE C 132 -9.17 -24.86 25.44
N ILE C 133 -9.98 -25.83 25.86
CA ILE C 133 -10.86 -25.64 27.01
C ILE C 133 -10.04 -25.38 28.27
N GLU C 134 -9.01 -26.18 28.50
CA GLU C 134 -8.18 -26.00 29.69
C GLU C 134 -7.62 -24.59 29.76
N THR C 135 -7.02 -24.14 28.65
CA THR C 135 -6.26 -22.90 28.65
C THR C 135 -7.17 -21.67 28.66
N HIS C 136 -8.27 -21.71 27.92
CA HIS C 136 -9.06 -20.50 27.71
C HIS C 136 -10.35 -20.44 28.52
N TYR C 137 -10.79 -21.54 29.13
CA TYR C 137 -12.11 -21.47 29.74
C TYR C 137 -12.17 -21.99 31.17
N LEU C 138 -11.49 -23.09 31.48
CA LEU C 138 -11.70 -23.75 32.76
C LEU C 138 -11.30 -22.85 33.93
N ASN C 139 -10.07 -22.32 33.93
CA ASN C 139 -9.65 -21.49 35.05
C ASN C 139 -10.44 -20.19 35.10
N GLU C 140 -10.81 -19.63 33.94
CA GLU C 140 -11.65 -18.43 33.96
C GLU C 140 -12.99 -18.72 34.63
N GLN C 141 -13.55 -19.91 34.39
CA GLN C 141 -14.78 -20.30 35.06
C GLN C 141 -14.58 -20.46 36.56
N VAL C 142 -13.47 -21.08 36.97
CA VAL C 142 -13.19 -21.24 38.40
C VAL C 142 -13.06 -19.88 39.06
N LYS C 143 -12.37 -18.94 38.40
CA LYS C 143 -12.22 -17.61 38.94
C LYS C 143 -13.55 -16.87 39.01
N ALA C 144 -14.37 -16.97 37.96
CA ALA C 144 -15.67 -16.30 37.98
C ALA C 144 -16.56 -16.86 39.08
N ILE C 145 -16.54 -18.18 39.26
CA ILE C 145 -17.37 -18.81 40.28
C ILE C 145 -16.90 -18.43 41.68
N LYS C 146 -15.58 -18.42 41.89
CA LYS C 146 -15.04 -18.01 43.19
C LYS C 146 -15.34 -16.54 43.48
N GLU C 147 -15.19 -15.67 42.47
CA GLU C 147 -15.45 -14.26 42.66
C GLU C 147 -16.92 -14.01 42.99
N LEU C 148 -17.82 -14.63 42.22
CA LEU C 148 -19.23 -14.53 42.54
C LEU C 148 -19.50 -15.08 43.95
N GLY C 149 -18.80 -16.15 44.33
CA GLY C 149 -18.96 -16.66 45.68
C GLY C 149 -18.58 -15.64 46.73
N ASP C 150 -17.45 -14.97 46.54
CA ASP C 150 -17.02 -13.92 47.47
C ASP C 150 -18.06 -12.81 47.55
N HIS C 151 -18.55 -12.37 46.39
CA HIS C 151 -19.55 -11.30 46.35
C HIS C 151 -20.81 -11.71 47.11
N VAL C 152 -21.32 -12.92 46.83
CA VAL C 152 -22.49 -13.42 47.53
C VAL C 152 -22.25 -13.46 49.03
N THR C 153 -21.09 -14.01 49.43
CA THR C 153 -20.80 -14.11 50.86
C THR C 153 -20.87 -12.74 51.52
N ASN C 154 -20.17 -11.76 50.95
CA ASN C 154 -20.10 -10.45 51.58
C ASN C 154 -21.46 -9.76 51.58
N LEU C 155 -22.16 -9.79 50.44
CA LEU C 155 -23.49 -9.20 50.42
C LEU C 155 -24.38 -9.80 51.49
N ARG C 156 -24.28 -11.11 51.70
N ARG C 156 -24.28 -11.11 51.69
CA ARG C 156 -25.09 -11.76 52.73
CA ARG C 156 -25.07 -11.77 52.73
C ARG C 156 -24.69 -11.30 54.12
C ARG C 156 -24.68 -11.27 54.11
N LYS C 157 -23.38 -11.28 54.41
CA LYS C 157 -22.94 -10.89 55.75
C LYS C 157 -23.23 -9.42 56.05
N MET C 158 -23.23 -8.57 55.03
CA MET C 158 -23.55 -7.15 55.22
C MET C 158 -25.02 -6.92 55.52
N GLY C 159 -25.87 -7.91 55.30
CA GLY C 159 -27.28 -7.77 55.57
C GLY C 159 -28.16 -7.60 54.34
N ALA C 160 -27.67 -7.95 53.16
CA ALA C 160 -28.46 -7.88 51.95
C ALA C 160 -29.36 -9.09 51.83
N PRO C 161 -30.47 -8.95 51.10
CA PRO C 161 -30.83 -7.68 50.46
C PRO C 161 -31.77 -6.82 51.32
N GLU C 162 -32.09 -7.30 52.52
CA GLU C 162 -32.99 -6.54 53.39
C GLU C 162 -32.45 -5.15 53.64
N SER C 163 -31.14 -5.03 53.84
CA SER C 163 -30.50 -3.74 54.09
C SER C 163 -30.10 -3.13 52.74
N GLY C 164 -30.79 -2.05 52.35
CA GLY C 164 -30.38 -1.33 51.16
C GLY C 164 -29.04 -0.65 51.36
N LEU C 165 -28.73 -0.29 52.61
CA LEU C 165 -27.40 0.20 52.93
C LEU C 165 -26.33 -0.82 52.54
N ALA C 166 -26.60 -2.10 52.77
CA ALA C 166 -25.63 -3.15 52.43
C ALA C 166 -25.30 -3.12 50.94
N GLU C 167 -26.32 -3.12 50.09
CA GLU C 167 -26.06 -3.14 48.65
C GLU C 167 -25.45 -1.83 48.17
N TYR C 168 -25.85 -0.70 48.79
CA TYR C 168 -25.23 0.58 48.44
C TYR C 168 -23.73 0.57 48.73
N LEU C 169 -23.36 0.23 49.98
CA LEU C 169 -21.95 0.26 50.35
C LEU C 169 -21.17 -0.79 49.59
N PHE C 170 -21.74 -1.97 49.36
CA PHE C 170 -21.06 -2.96 48.55
C PHE C 170 -20.81 -2.44 47.13
N ASP C 171 -21.84 -1.82 46.55
CA ASP C 171 -21.68 -1.22 45.23
C ASP C 171 -20.56 -0.19 45.23
N LYS C 172 -20.40 0.56 46.32
CA LYS C 172 -19.38 1.60 46.36
C LYS C 172 -17.99 1.03 46.58
N HIS C 173 -17.83 0.18 47.60
CA HIS C 173 -16.52 -0.22 48.10
C HIS C 173 -15.98 -1.49 47.45
N THR C 174 -16.84 -2.33 46.89
CA THR C 174 -16.40 -3.57 46.25
C THR C 174 -16.44 -3.50 44.74
N LEU C 175 -17.58 -3.11 44.16
CA LEU C 175 -17.73 -3.06 42.71
C LEU C 175 -17.24 -1.74 42.12
N GLY C 176 -16.92 -0.76 42.96
CA GLY C 176 -16.40 0.51 42.48
C GLY C 176 -14.90 0.51 42.34
N THR D 5 -45.74 3.69 38.57
CA THR D 5 -45.16 4.53 37.53
C THR D 5 -43.83 5.11 37.99
N SER D 6 -42.86 5.15 37.07
CA SER D 6 -41.52 5.61 37.42
C SER D 6 -41.54 7.06 37.89
N GLN D 7 -40.64 7.37 38.81
CA GLN D 7 -40.54 8.73 39.34
C GLN D 7 -39.99 9.69 38.29
N VAL D 8 -39.26 9.19 37.30
CA VAL D 8 -38.73 10.07 36.27
C VAL D 8 -39.63 10.18 35.04
N ARG D 9 -40.57 9.25 34.87
CA ARG D 9 -41.35 9.21 33.63
C ARG D 9 -42.13 10.51 33.44
N GLN D 10 -42.00 11.08 32.25
CA GLN D 10 -42.69 12.32 31.92
C GLN D 10 -42.79 12.42 30.41
N ASN D 11 -44.01 12.49 29.89
CA ASN D 11 -44.24 12.64 28.46
C ASN D 11 -43.71 11.44 27.66
N TYR D 12 -43.67 10.26 28.28
CA TYR D 12 -43.16 9.05 27.64
C TYR D 12 -44.34 8.10 27.45
N HIS D 13 -44.82 8.00 26.21
CA HIS D 13 -46.01 7.21 25.94
C HIS D 13 -45.69 5.72 25.97
N GLN D 14 -46.69 4.94 26.42
CA GLN D 14 -46.51 3.50 26.47
C GLN D 14 -46.20 2.93 25.09
N ASP D 15 -46.81 3.51 24.06
CA ASP D 15 -46.49 3.09 22.70
C ASP D 15 -45.02 3.31 22.39
N SER D 16 -44.48 4.47 22.78
CA SER D 16 -43.06 4.72 22.59
C SER D 16 -42.22 3.70 23.35
N GLU D 17 -42.63 3.36 24.58
CA GLU D 17 -41.88 2.38 25.36
C GLU D 17 -41.84 1.02 24.68
N ALA D 18 -42.99 0.54 24.21
CA ALA D 18 -43.03 -0.75 23.52
C ALA D 18 -42.21 -0.69 22.23
N ALA D 19 -42.33 0.41 21.48
CA ALA D 19 -41.56 0.55 20.25
C ALA D 19 -40.07 0.55 20.53
N ILE D 20 -39.66 1.13 21.66
CA ILE D 20 -38.25 1.12 22.03
C ILE D 20 -37.80 -0.28 22.38
N ASN D 21 -38.65 -1.06 23.06
CA ASN D 21 -38.29 -2.45 23.34
C ASN D 21 -38.13 -3.25 22.05
N ARG D 22 -39.05 -3.08 21.11
CA ARG D 22 -38.92 -3.79 19.83
C ARG D 22 -37.67 -3.34 19.08
N GLN D 23 -37.36 -2.05 19.14
CA GLN D 23 -36.16 -1.56 18.47
C GLN D 23 -34.90 -2.13 19.12
N ILE D 24 -34.91 -2.26 20.44
CA ILE D 24 -33.80 -2.92 21.14
C ILE D 24 -33.59 -4.31 20.58
N ASN D 25 -34.67 -5.10 20.51
CA ASN D 25 -34.53 -6.44 19.95
C ASN D 25 -34.00 -6.40 18.53
N LEU D 26 -34.47 -5.46 17.71
CA LEU D 26 -34.02 -5.41 16.32
C LEU D 26 -32.52 -5.11 16.23
N GLU D 27 -32.03 -4.13 17.00
CA GLU D 27 -30.61 -3.84 17.00
C GLU D 27 -29.80 -5.07 17.41
N LEU D 28 -30.26 -5.79 18.44
CA LEU D 28 -29.56 -7.00 18.85
C LEU D 28 -29.58 -8.05 17.72
N TYR D 29 -30.70 -8.17 17.02
CA TYR D 29 -30.77 -9.08 15.87
C TYR D 29 -29.74 -8.71 14.81
N ALA D 30 -29.69 -7.43 14.43
CA ALA D 30 -28.70 -7.01 13.46
C ALA D 30 -27.29 -7.36 13.92
N SER D 31 -26.98 -7.09 15.19
CA SER D 31 -25.69 -7.47 15.72
C SER D 31 -25.42 -8.95 15.50
N TYR D 32 -26.44 -9.79 15.73
CA TYR D 32 -26.28 -11.22 15.54
C TYR D 32 -25.98 -11.54 14.08
N VAL D 33 -26.75 -10.95 13.15
CA VAL D 33 -26.52 -11.16 11.73
C VAL D 33 -25.06 -10.87 11.38
N TYR D 34 -24.57 -9.70 11.82
CA TYR D 34 -23.21 -9.33 11.48
C TYR D 34 -22.19 -10.28 12.08
N LEU D 35 -22.43 -10.76 13.31
CA LEU D 35 -21.56 -11.77 13.87
C LEU D 35 -21.48 -12.99 12.96
N SER D 36 -22.65 -13.46 12.50
CA SER D 36 -22.70 -14.61 11.60
C SER D 36 -21.89 -14.36 10.34
N MET D 37 -22.12 -13.22 9.69
CA MET D 37 -21.40 -12.90 8.45
C MET D 37 -19.90 -12.90 8.68
N SER D 38 -19.46 -12.18 9.71
CA SER D 38 -18.03 -12.08 10.00
C SER D 38 -17.39 -13.45 10.09
N TYR D 39 -17.93 -14.31 10.95
CA TYR D 39 -17.28 -15.61 11.06
C TYR D 39 -17.57 -16.51 9.87
N TYR D 40 -18.51 -16.14 9.00
CA TYR D 40 -18.60 -16.80 7.71
C TYR D 40 -17.39 -16.49 6.84
N PHE D 41 -16.99 -15.22 6.79
CA PHE D 41 -15.79 -14.87 6.02
C PHE D 41 -14.51 -15.28 6.73
N ASP D 42 -14.58 -15.68 8.00
CA ASP D 42 -13.43 -16.26 8.68
C ASP D 42 -13.19 -17.73 8.32
N ARG D 43 -14.09 -18.34 7.55
CA ARG D 43 -13.95 -19.76 7.23
C ARG D 43 -12.74 -20.00 6.33
N ASP D 44 -12.13 -21.18 6.48
CA ASP D 44 -10.95 -21.52 5.71
C ASP D 44 -11.23 -21.64 4.22
N ASP D 45 -12.48 -21.89 3.83
CA ASP D 45 -12.85 -21.96 2.43
C ASP D 45 -13.49 -20.66 1.95
N VAL D 46 -13.40 -19.59 2.72
CA VAL D 46 -13.81 -18.26 2.29
C VAL D 46 -12.63 -17.32 2.46
N ALA D 47 -12.12 -17.20 3.68
CA ALA D 47 -10.82 -16.58 3.95
C ALA D 47 -10.74 -15.14 3.42
N LEU D 48 -11.70 -14.32 3.81
CA LEU D 48 -11.70 -12.89 3.51
C LEU D 48 -11.62 -12.14 4.84
N LYS D 49 -10.40 -11.97 5.35
CA LYS D 49 -10.21 -11.44 6.70
C LYS D 49 -10.74 -10.02 6.84
N ASN D 50 -10.74 -9.24 5.76
CA ASN D 50 -11.20 -7.87 5.88
C ASN D 50 -12.72 -7.78 5.85
N PHE D 51 -13.37 -8.65 5.06
CA PHE D 51 -14.81 -8.82 5.20
C PHE D 51 -15.16 -9.26 6.61
N ALA D 52 -14.37 -10.17 7.17
CA ALA D 52 -14.61 -10.64 8.53
C ALA D 52 -14.51 -9.50 9.54
N LYS D 53 -13.42 -8.74 9.49
CA LYS D 53 -13.25 -7.63 10.42
C LYS D 53 -14.37 -6.62 10.25
N TYR D 54 -14.70 -6.30 9.00
CA TYR D 54 -15.75 -5.31 8.74
C TYR D 54 -17.07 -5.71 9.38
N PHE D 55 -17.52 -6.95 9.12
CA PHE D 55 -18.82 -7.34 9.65
C PHE D 55 -18.79 -7.56 11.15
N LEU D 56 -17.65 -7.94 11.71
CA LEU D 56 -17.54 -8.01 13.17
C LEU D 56 -17.65 -6.62 13.80
N HIS D 57 -16.95 -5.64 13.23
CA HIS D 57 -17.08 -4.27 13.73
C HIS D 57 -18.52 -3.79 13.64
N GLN D 58 -19.18 -4.07 12.51
CA GLN D 58 -20.60 -3.73 12.41
C GLN D 58 -21.41 -4.40 13.50
N SER D 59 -21.09 -5.66 13.82
CA SER D 59 -21.81 -6.38 14.87
C SER D 59 -21.67 -5.66 16.21
N HIS D 60 -20.44 -5.32 16.59
CA HIS D 60 -20.25 -4.59 17.84
C HIS D 60 -20.98 -3.26 17.82
N GLU D 61 -20.99 -2.60 16.65
CA GLU D 61 -21.74 -1.36 16.49
C GLU D 61 -23.21 -1.56 16.85
N GLU D 62 -23.85 -2.57 16.24
CA GLU D 62 -25.26 -2.83 16.54
C GLU D 62 -25.45 -3.07 18.03
N ARG D 63 -24.54 -3.84 18.65
CA ARG D 63 -24.58 -3.99 20.10
C ARG D 63 -24.66 -2.63 20.79
N GLU D 64 -23.83 -1.68 20.34
CA GLU D 64 -23.85 -0.36 20.95
C GLU D 64 -25.18 0.35 20.73
N HIS D 65 -25.74 0.25 19.52
CA HIS D 65 -27.05 0.85 19.27
C HIS D 65 -28.09 0.32 20.25
N ALA D 66 -28.11 -1.01 20.43
CA ALA D 66 -29.06 -1.63 21.35
C ALA D 66 -28.87 -1.11 22.77
N GLU D 67 -27.64 -1.17 23.28
CA GLU D 67 -27.38 -0.74 24.65
C GLU D 67 -27.75 0.73 24.85
N LYS D 68 -27.52 1.56 23.83
CA LYS D 68 -27.94 2.95 23.93
C LYS D 68 -29.45 3.06 24.03
N LEU D 69 -30.18 2.22 23.28
CA LEU D 69 -31.63 2.24 23.38
C LEU D 69 -32.10 1.77 24.76
N MET D 70 -31.42 0.78 25.35
CA MET D 70 -31.77 0.36 26.69
C MET D 70 -31.52 1.47 27.70
N LYS D 71 -30.42 2.20 27.53
CA LYS D 71 -30.15 3.37 28.35
C LYS D 71 -31.27 4.40 28.22
N LEU D 72 -31.69 4.68 26.98
CA LEU D 72 -32.80 5.61 26.75
C LEU D 72 -34.06 5.15 27.49
N GLN D 73 -34.38 3.85 27.36
CA GLN D 73 -35.52 3.28 28.03
C GLN D 73 -35.48 3.57 29.54
N ASN D 74 -34.34 3.30 30.17
CA ASN D 74 -34.24 3.60 31.61
C ASN D 74 -34.30 5.10 31.88
N GLN D 75 -33.72 5.92 31.01
CA GLN D 75 -33.72 7.36 31.23
C GLN D 75 -35.14 7.91 31.27
N ARG D 76 -36.00 7.46 30.36
CA ARG D 76 -37.36 7.98 30.29
C ARG D 76 -38.30 7.30 31.26
N GLY D 77 -37.82 6.35 32.06
CA GLY D 77 -38.65 5.67 33.02
C GLY D 77 -39.40 4.46 32.50
N GLY D 78 -39.17 4.07 31.24
CA GLY D 78 -39.75 2.85 30.73
C GLY D 78 -39.07 1.64 31.31
N ARG D 79 -39.62 0.47 31.00
CA ARG D 79 -39.10 -0.79 31.50
C ARG D 79 -38.64 -1.66 30.34
N ILE D 80 -37.38 -2.12 30.42
CA ILE D 80 -36.81 -2.95 29.37
C ILE D 80 -37.42 -4.34 29.47
N PHE D 81 -37.92 -4.85 28.35
CA PHE D 81 -38.38 -6.23 28.25
C PHE D 81 -37.72 -6.87 27.05
N LEU D 82 -36.81 -7.79 27.30
CA LEU D 82 -36.03 -8.44 26.26
C LEU D 82 -36.77 -9.65 25.72
N GLN D 83 -36.58 -9.92 24.43
CA GLN D 83 -37.14 -11.08 23.77
C GLN D 83 -36.00 -11.89 23.16
N ASP D 84 -36.32 -13.13 22.79
CA ASP D 84 -35.33 -13.96 22.11
C ASP D 84 -34.69 -13.18 20.97
N ILE D 85 -33.39 -13.37 20.81
CA ILE D 85 -32.69 -12.83 19.65
C ILE D 85 -32.71 -13.91 18.58
N GLN D 86 -33.46 -13.66 17.51
CA GLN D 86 -33.63 -14.66 16.46
C GLN D 86 -32.33 -14.88 15.71
N LYS D 87 -32.09 -16.14 15.34
CA LYS D 87 -30.91 -16.45 14.55
C LYS D 87 -31.06 -15.84 13.15
N PRO D 88 -29.95 -15.51 12.50
CA PRO D 88 -30.02 -14.92 11.16
C PRO D 88 -30.69 -15.85 10.16
N ASP D 89 -31.14 -15.26 9.05
CA ASP D 89 -31.83 -16.02 8.01
C ASP D 89 -30.92 -17.02 7.30
N GLU D 90 -29.60 -16.81 7.35
CA GLU D 90 -28.67 -17.66 6.62
C GLU D 90 -27.54 -18.09 7.54
N ASP D 91 -27.05 -19.30 7.29
CA ASP D 91 -25.80 -19.77 7.87
C ASP D 91 -24.63 -19.59 6.92
N ASP D 92 -24.89 -19.66 5.61
CA ASP D 92 -23.89 -19.50 4.57
C ASP D 92 -24.26 -18.27 3.75
N TRP D 93 -23.37 -17.27 3.73
CA TRP D 93 -23.66 -15.99 3.09
C TRP D 93 -23.14 -15.92 1.66
N GLU D 94 -22.67 -17.03 1.10
CA GLU D 94 -22.38 -17.15 -0.33
C GLU D 94 -21.08 -16.45 -0.71
N SER D 95 -21.01 -15.14 -0.49
CA SER D 95 -19.88 -14.35 -0.99
C SER D 95 -19.93 -12.97 -0.35
N GLY D 96 -18.84 -12.22 -0.56
CA GLY D 96 -18.78 -10.87 -0.02
C GLY D 96 -19.83 -9.95 -0.58
N LEU D 97 -20.05 -10.02 -1.90
CA LEU D 97 -21.12 -9.22 -2.50
C LEU D 97 -22.48 -9.55 -1.89
N ASN D 98 -22.79 -10.84 -1.78
CA ASN D 98 -24.09 -11.23 -1.24
C ASN D 98 -24.23 -10.81 0.22
N ALA D 99 -23.16 -10.91 1.00
CA ALA D 99 -23.20 -10.43 2.38
C ALA D 99 -23.45 -8.93 2.43
N MET D 100 -22.79 -8.17 1.56
CA MET D 100 -23.02 -6.73 1.51
C MET D 100 -24.47 -6.41 1.14
N GLU D 101 -25.05 -7.17 0.21
CA GLU D 101 -26.45 -6.94 -0.18
C GLU D 101 -27.40 -7.27 0.97
N ALA D 102 -27.17 -8.40 1.65
CA ALA D 102 -27.99 -8.73 2.80
C ALA D 102 -27.85 -7.68 3.90
N ALA D 103 -26.66 -7.10 4.04
CA ALA D 103 -26.44 -6.05 5.03
C ALA D 103 -27.18 -4.78 4.64
N LEU D 104 -27.16 -4.41 3.35
CA LEU D 104 -27.93 -3.26 2.90
C LEU D 104 -29.42 -3.46 3.17
N HIS D 105 -29.94 -4.63 2.81
CA HIS D 105 -31.35 -4.93 3.08
C HIS D 105 -31.66 -4.81 4.57
N LEU D 106 -30.85 -5.48 5.41
CA LEU D 106 -31.06 -5.42 6.85
C LEU D 106 -31.04 -3.98 7.35
N GLU D 107 -30.05 -3.20 6.91
CA GLU D 107 -29.93 -1.83 7.35
C GLU D 107 -31.12 -0.99 6.93
N LYS D 108 -31.70 -1.26 5.76
CA LYS D 108 -32.89 -0.51 5.39
C LYS D 108 -34.10 -0.95 6.20
N ASN D 109 -34.16 -2.21 6.63
CA ASN D 109 -35.20 -2.62 7.57
C ASN D 109 -35.05 -1.88 8.90
N VAL D 110 -33.83 -1.82 9.42
CA VAL D 110 -33.59 -1.13 10.69
C VAL D 110 -33.90 0.35 10.55
N ASN D 111 -33.53 0.93 9.41
CA ASN D 111 -33.80 2.34 9.18
C ASN D 111 -35.30 2.59 9.13
N GLN D 112 -36.02 1.80 8.32
CA GLN D 112 -37.47 1.91 8.28
C GLN D 112 -38.06 1.87 9.68
N SER D 113 -37.59 0.92 10.50
CA SER D 113 -38.08 0.81 11.86
C SER D 113 -37.84 2.10 12.65
N LEU D 114 -36.63 2.67 12.53
CA LEU D 114 -36.32 3.91 13.24
C LEU D 114 -37.15 5.09 12.72
N LEU D 115 -37.48 5.09 11.44
CA LEU D 115 -38.34 6.15 10.90
C LEU D 115 -39.74 6.05 11.46
N GLU D 116 -40.25 4.82 11.59
CA GLU D 116 -41.55 4.62 12.23
C GLU D 116 -41.50 5.03 13.70
N LEU D 117 -40.40 4.73 14.38
CA LEU D 117 -40.27 5.13 15.78
C LEU D 117 -40.25 6.64 15.91
N HIS D 118 -39.56 7.33 15.00
CA HIS D 118 -39.54 8.79 15.05
C HIS D 118 -40.92 9.37 14.75
N LYS D 119 -41.61 8.80 13.75
CA LYS D 119 -42.98 9.25 13.47
C LYS D 119 -43.87 9.06 14.70
N LEU D 120 -43.69 7.95 15.41
CA LEU D 120 -44.46 7.72 16.63
C LEU D 120 -44.15 8.80 17.67
N ALA D 121 -42.87 9.12 17.85
CA ALA D 121 -42.50 10.16 18.80
C ALA D 121 -43.10 11.51 18.40
N HIS D 122 -43.10 11.80 17.11
CA HIS D 122 -43.69 13.05 16.62
C HIS D 122 -45.19 13.09 16.88
N ASP D 123 -45.90 12.03 16.52
CA ASP D 123 -47.36 12.01 16.71
C ASP D 123 -47.73 12.05 18.19
N LYS D 124 -46.89 11.48 19.06
CA LYS D 124 -47.14 11.51 20.49
C LYS D 124 -46.52 12.74 21.15
N ASN D 125 -46.06 13.71 20.37
CA ASN D 125 -45.43 14.92 20.89
C ASN D 125 -44.33 14.58 21.90
N ASP D 126 -43.40 13.70 21.48
CA ASP D 126 -42.24 13.33 22.29
C ASP D 126 -40.99 13.90 21.64
N PRO D 127 -40.74 15.21 21.79
CA PRO D 127 -39.58 15.81 21.12
C PRO D 127 -38.25 15.27 21.60
N HIS D 128 -38.13 14.89 22.88
CA HIS D 128 -36.86 14.32 23.34
C HIS D 128 -36.58 13.01 22.63
N LEU D 129 -37.60 12.17 22.46
CA LEU D 129 -37.40 10.90 21.78
C LEU D 129 -37.12 11.11 20.29
N ALA D 130 -37.86 12.02 19.65
CA ALA D 130 -37.61 12.31 18.24
C ALA D 130 -36.19 12.81 18.03
N ASP D 131 -35.72 13.68 18.92
CA ASP D 131 -34.37 14.21 18.79
C ASP D 131 -33.32 13.16 19.12
N PHE D 132 -33.64 12.24 20.05
CA PHE D 132 -32.74 11.11 20.30
C PHE D 132 -32.54 10.29 19.04
N ILE D 133 -33.65 9.94 18.36
CA ILE D 133 -33.56 9.17 17.12
C ILE D 133 -32.81 9.96 16.05
N GLU D 134 -33.19 11.23 15.88
CA GLU D 134 -32.53 12.06 14.88
C GLU D 134 -31.03 12.11 15.10
N THR D 135 -30.62 12.39 16.33
CA THR D 135 -29.23 12.68 16.64
C THR D 135 -28.37 11.42 16.63
N HIS D 136 -28.88 10.31 17.15
CA HIS D 136 -28.03 9.14 17.33
C HIS D 136 -28.26 8.04 16.29
N TYR D 137 -29.32 8.09 15.52
CA TYR D 137 -29.56 6.94 14.67
C TYR D 137 -29.82 7.29 13.22
N LEU D 138 -30.58 8.35 12.93
CA LEU D 138 -31.04 8.57 11.56
C LEU D 138 -29.87 8.75 10.61
N ASN D 139 -28.97 9.70 10.92
CA ASN D 139 -27.85 9.93 10.02
C ASN D 139 -26.88 8.76 9.99
N GLU D 140 -26.72 8.04 11.11
N GLU D 140 -26.72 8.03 11.11
CA GLU D 140 -25.87 6.86 11.09
CA GLU D 140 -25.86 6.86 11.07
C GLU D 140 -26.42 5.79 10.16
C GLU D 140 -26.43 5.79 10.15
N GLN D 141 -27.75 5.63 10.14
CA GLN D 141 -28.37 4.71 9.19
C GLN D 141 -28.15 5.17 7.76
N VAL D 142 -28.31 6.46 7.49
CA VAL D 142 -28.09 6.97 6.14
C VAL D 142 -26.65 6.73 5.70
N LYS D 143 -25.69 6.98 6.58
CA LYS D 143 -24.29 6.78 6.24
C LYS D 143 -24.00 5.30 6.00
N ALA D 144 -24.51 4.43 6.87
CA ALA D 144 -24.27 3.00 6.70
C ALA D 144 -24.89 2.50 5.39
N ILE D 145 -26.08 3.00 5.06
CA ILE D 145 -26.75 2.58 3.83
C ILE D 145 -25.96 3.05 2.61
N LYS D 146 -25.47 4.29 2.63
CA LYS D 146 -24.68 4.78 1.51
C LYS D 146 -23.38 4.00 1.36
N GLU D 147 -22.71 3.69 2.48
CA GLU D 147 -21.47 2.95 2.42
C GLU D 147 -21.68 1.54 1.86
N LEU D 148 -22.70 0.84 2.39
CA LEU D 148 -23.03 -0.46 1.83
C LEU D 148 -23.36 -0.36 0.35
N GLY D 149 -24.07 0.70 -0.04
CA GLY D 149 -24.37 0.89 -1.45
C GLY D 149 -23.12 1.02 -2.30
N ASP D 150 -22.16 1.83 -1.83
CA ASP D 150 -20.90 1.96 -2.56
C ASP D 150 -20.18 0.61 -2.67
N HIS D 151 -20.15 -0.15 -1.57
CA HIS D 151 -19.49 -1.44 -1.61
C HIS D 151 -20.14 -2.36 -2.64
N VAL D 152 -21.47 -2.46 -2.60
CA VAL D 152 -22.18 -3.28 -3.58
C VAL D 152 -21.84 -2.83 -5.00
N THR D 153 -21.92 -1.52 -5.23
CA THR D 153 -21.63 -0.98 -6.56
C THR D 153 -20.24 -1.40 -7.03
N ASN D 154 -19.24 -1.19 -6.17
CA ASN D 154 -17.87 -1.47 -6.58
C ASN D 154 -17.64 -2.96 -6.80
N LEU D 155 -18.14 -3.80 -5.89
CA LEU D 155 -17.98 -5.25 -6.08
C LEU D 155 -18.58 -5.69 -7.41
N ARG D 156 -19.81 -5.25 -7.71
CA ARG D 156 -20.42 -5.61 -8.99
CA ARG D 156 -20.41 -5.63 -8.99
C ARG D 156 -19.60 -5.08 -10.16
N LYS D 157 -19.16 -3.82 -10.06
CA LYS D 157 -18.34 -3.24 -11.12
C LYS D 157 -17.06 -4.05 -11.32
N MET D 158 -16.49 -4.56 -10.24
CA MET D 158 -15.26 -5.34 -10.32
C MET D 158 -15.52 -6.75 -10.83
N GLY D 159 -16.77 -7.19 -10.84
CA GLY D 159 -17.11 -8.49 -11.36
C GLY D 159 -17.48 -9.54 -10.34
N ALA D 160 -17.87 -9.16 -9.14
CA ALA D 160 -18.31 -10.11 -8.14
C ALA D 160 -19.77 -10.47 -8.41
N PRO D 161 -20.19 -11.66 -7.95
CA PRO D 161 -19.34 -12.56 -7.17
C PRO D 161 -18.59 -13.55 -8.06
N GLU D 162 -18.79 -13.42 -9.37
CA GLU D 162 -18.14 -14.33 -10.31
C GLU D 162 -16.63 -14.30 -10.15
N SER D 163 -16.05 -13.12 -9.96
CA SER D 163 -14.59 -12.98 -9.86
C SER D 163 -14.13 -13.07 -8.41
N GLY D 164 -13.48 -14.20 -8.08
CA GLY D 164 -12.84 -14.30 -6.79
C GLY D 164 -11.66 -13.34 -6.69
N LEU D 165 -11.00 -13.06 -7.82
CA LEU D 165 -10.03 -11.98 -7.86
C LEU D 165 -10.67 -10.65 -7.47
N ALA D 166 -11.89 -10.42 -7.96
CA ALA D 166 -12.61 -9.18 -7.62
C ALA D 166 -12.83 -9.08 -6.13
N GLU D 167 -13.38 -10.12 -5.51
CA GLU D 167 -13.64 -10.02 -4.07
C GLU D 167 -12.34 -9.99 -3.26
N TYR D 168 -11.30 -10.67 -3.73
CA TYR D 168 -10.00 -10.61 -3.06
C TYR D 168 -9.45 -9.19 -3.06
N LEU D 169 -9.39 -8.56 -4.24
CA LEU D 169 -8.85 -7.21 -4.33
C LEU D 169 -9.70 -6.21 -3.58
N PHE D 170 -11.03 -6.35 -3.63
CA PHE D 170 -11.88 -5.45 -2.85
C PHE D 170 -11.58 -5.61 -1.37
N ASP D 171 -11.45 -6.85 -0.90
CA ASP D 171 -11.07 -7.10 0.49
C ASP D 171 -9.74 -6.43 0.83
N LYS D 172 -8.81 -6.38 -0.13
CA LYS D 172 -7.50 -5.81 0.16
C LYS D 172 -7.53 -4.27 0.17
N HIS D 173 -8.07 -3.66 -0.89
CA HIS D 173 -7.92 -2.23 -1.13
C HIS D 173 -9.06 -1.40 -0.57
N THR D 174 -10.23 -1.99 -0.33
CA THR D 174 -11.35 -1.23 0.19
C THR D 174 -11.58 -1.50 1.68
N LEU D 175 -11.68 -2.78 2.07
CA LEU D 175 -11.89 -3.13 3.46
C LEU D 175 -10.58 -3.26 4.24
N GLY D 176 -9.43 -3.16 3.57
CA GLY D 176 -8.13 -3.26 4.20
C GLY D 176 -7.53 -1.98 4.73
N ASP D 177 -8.29 -0.89 4.82
CA ASP D 177 -7.77 0.34 5.43
C ASP D 177 -8.88 1.32 5.85
N SER E 4 22.97 -46.81 30.92
CA SER E 4 22.69 -46.22 32.22
C SER E 4 21.46 -45.32 32.19
N THR E 5 20.89 -45.04 33.35
CA THR E 5 19.72 -44.20 33.47
C THR E 5 20.11 -42.78 33.84
N SER E 6 19.49 -41.80 33.20
CA SER E 6 19.80 -40.41 33.49
C SER E 6 19.41 -40.09 34.93
N GLN E 7 20.17 -39.22 35.57
CA GLN E 7 19.85 -38.84 36.94
C GLN E 7 18.57 -38.03 37.03
N VAL E 8 18.16 -37.38 35.93
CA VAL E 8 16.93 -36.60 35.95
C VAL E 8 15.72 -37.40 35.47
N ARG E 9 15.93 -38.54 34.81
CA ARG E 9 14.82 -39.25 34.19
C ARG E 9 13.80 -39.67 35.24
N GLN E 10 12.53 -39.36 34.97
CA GLN E 10 11.44 -39.70 35.88
C GLN E 10 10.15 -39.75 35.08
N ASN E 11 9.51 -40.91 35.05
CA ASN E 11 8.23 -41.08 34.36
C ASN E 11 8.37 -40.83 32.86
N TYR E 12 9.56 -41.08 32.31
CA TYR E 12 9.85 -40.85 30.90
C TYR E 12 10.02 -42.21 30.24
N HIS E 13 8.99 -42.63 29.50
CA HIS E 13 8.97 -43.94 28.89
C HIS E 13 9.86 -43.98 27.66
N GLN E 14 10.50 -45.14 27.45
CA GLN E 14 11.37 -45.30 26.29
C GLN E 14 10.60 -45.09 24.99
N ASP E 15 9.34 -45.51 24.94
CA ASP E 15 8.52 -45.26 23.76
C ASP E 15 8.37 -43.76 23.51
N SER E 16 8.13 -42.98 24.57
CA SER E 16 8.07 -41.53 24.41
C SER E 16 9.39 -40.98 23.90
N GLU E 17 10.51 -41.48 24.44
CA GLU E 17 11.81 -41.02 24.00
C GLU E 17 12.03 -41.27 22.52
N ALA E 18 11.72 -42.49 22.07
CA ALA E 18 11.88 -42.80 20.65
C ALA E 18 10.96 -41.95 19.79
N ALA E 19 9.71 -41.77 20.23
CA ALA E 19 8.80 -40.93 19.47
C ALA E 19 9.31 -39.49 19.37
N ILE E 20 9.94 -39.00 20.44
CA ILE E 20 10.51 -37.65 20.41
C ILE E 20 11.67 -37.57 19.43
N ASN E 21 12.51 -38.61 19.38
CA ASN E 21 13.58 -38.60 18.39
C ASN E 21 13.00 -38.56 16.97
N ARG E 22 11.98 -39.38 16.72
CA ARG E 22 11.36 -39.37 15.40
C ARG E 22 10.73 -38.02 15.10
N GLN E 23 10.13 -37.38 16.11
CA GLN E 23 9.54 -36.06 15.90
C GLN E 23 10.61 -35.03 15.60
N ILE E 24 11.75 -35.11 16.27
CA ILE E 24 12.89 -34.24 15.94
C ILE E 24 13.23 -34.39 14.47
N ASN E 25 13.40 -35.62 14.01
CA ASN E 25 13.72 -35.84 12.60
C ASN E 25 12.64 -35.27 11.69
N LEU E 26 11.37 -35.44 12.06
CA LEU E 26 10.28 -34.95 11.23
C LEU E 26 10.31 -33.42 11.12
N GLU E 27 10.50 -32.74 12.24
CA GLU E 27 10.60 -31.28 12.22
C GLU E 27 11.76 -30.82 11.34
N LEU E 28 12.92 -31.48 11.45
CA LEU E 28 14.04 -31.12 10.57
C LEU E 28 13.68 -31.38 9.10
N TYR E 29 13.01 -32.49 8.82
CA TYR E 29 12.56 -32.75 7.45
C TYR E 29 11.69 -31.63 6.93
N ALA E 30 10.68 -31.23 7.71
CA ALA E 30 9.83 -30.12 7.31
C ALA E 30 10.65 -28.87 7.06
N SER E 31 11.60 -28.57 7.96
CA SER E 31 12.49 -27.43 7.76
C SER E 31 13.18 -27.51 6.41
N TYR E 32 13.67 -28.70 6.04
CA TYR E 32 14.33 -28.88 4.76
C TYR E 32 13.36 -28.62 3.60
N VAL E 33 12.15 -29.15 3.70
CA VAL E 33 11.12 -28.92 2.68
C VAL E 33 10.93 -27.43 2.46
N TYR E 34 10.72 -26.70 3.56
CA TYR E 34 10.44 -25.27 3.44
C TYR E 34 11.64 -24.53 2.85
N LEU E 35 12.86 -24.93 3.21
CA LEU E 35 14.03 -24.34 2.57
C LEU E 35 13.97 -24.54 1.06
N SER E 36 13.68 -25.77 0.63
CA SER E 36 13.61 -26.08 -0.79
C SER E 36 12.57 -25.20 -1.49
N MET E 37 11.36 -25.13 -0.93
CA MET E 37 10.32 -24.31 -1.54
C MET E 37 10.77 -22.86 -1.66
N SER E 38 11.28 -22.30 -0.55
CA SER E 38 11.71 -20.91 -0.55
C SER E 38 12.66 -20.63 -1.71
N TYR E 39 13.75 -21.39 -1.80
CA TYR E 39 14.67 -21.09 -2.89
C TYR E 39 14.14 -21.56 -4.24
N TYR E 40 13.05 -22.32 -4.28
CA TYR E 40 12.36 -22.51 -5.55
C TYR E 40 11.73 -21.21 -6.01
N PHE E 41 11.07 -20.49 -5.10
CA PHE E 41 10.51 -19.21 -5.49
C PHE E 41 11.57 -18.11 -5.62
N ASP E 42 12.80 -18.36 -5.16
CA ASP E 42 13.89 -17.43 -5.42
C ASP E 42 14.43 -17.53 -6.85
N ARG E 43 13.98 -18.52 -7.62
CA ARG E 43 14.52 -18.70 -8.97
C ARG E 43 14.14 -17.54 -9.88
N ASP E 44 15.01 -17.26 -10.84
CA ASP E 44 14.82 -16.15 -11.76
C ASP E 44 13.63 -16.35 -12.67
N ASP E 45 13.20 -17.60 -12.88
CA ASP E 45 12.03 -17.90 -13.70
C ASP E 45 10.79 -18.17 -12.85
N VAL E 46 10.84 -17.86 -11.56
CA VAL E 46 9.67 -17.89 -10.68
C VAL E 46 9.52 -16.51 -10.07
N ALA E 47 10.54 -16.08 -9.32
CA ALA E 47 10.66 -14.69 -8.89
C ALA E 47 9.44 -14.22 -8.10
N LEU E 48 9.08 -14.98 -7.07
CA LEU E 48 8.02 -14.60 -6.12
C LEU E 48 8.70 -14.43 -4.76
N LYS E 49 9.26 -13.23 -4.56
CA LYS E 49 10.11 -12.99 -3.40
C LYS E 49 9.35 -13.16 -2.09
N ASN E 50 8.05 -12.91 -2.10
CA ASN E 50 7.27 -13.03 -0.87
C ASN E 50 6.92 -14.48 -0.56
N PHE E 51 6.67 -15.30 -1.59
CA PHE E 51 6.62 -16.74 -1.38
C PHE E 51 7.93 -17.25 -0.83
N ALA E 52 9.05 -16.76 -1.37
CA ALA E 52 10.36 -17.17 -0.88
C ALA E 52 10.53 -16.81 0.59
N LYS E 53 10.30 -15.55 0.94
CA LYS E 53 10.45 -15.14 2.33
C LYS E 53 9.52 -15.94 3.23
N TYR E 54 8.27 -16.12 2.81
CA TYR E 54 7.32 -16.89 3.61
C TYR E 54 7.86 -18.28 3.92
N PHE E 55 8.27 -19.01 2.88
CA PHE E 55 8.68 -20.39 3.10
C PHE E 55 10.03 -20.49 3.81
N LEU E 56 10.92 -19.49 3.65
CA LEU E 56 12.14 -19.48 4.43
C LEU E 56 11.83 -19.29 5.91
N HIS E 57 10.91 -18.36 6.23
CA HIS E 57 10.48 -18.20 7.61
C HIS E 57 9.89 -19.49 8.16
N GLN E 58 9.06 -20.18 7.37
CA GLN E 58 8.55 -21.47 7.80
C GLN E 58 9.67 -22.46 8.08
N SER E 59 10.71 -22.45 7.24
CA SER E 59 11.85 -23.35 7.45
C SER E 59 12.51 -23.08 8.79
N HIS E 60 12.81 -21.81 9.07
CA HIS E 60 13.44 -21.48 10.35
C HIS E 60 12.53 -21.88 11.50
N GLU E 61 11.22 -21.65 11.36
CA GLU E 61 10.28 -22.06 12.39
C GLU E 61 10.39 -23.56 12.68
N GLU E 62 10.36 -24.38 11.62
CA GLU E 62 10.50 -25.82 11.79
C GLU E 62 11.79 -26.14 12.53
N ARG E 63 12.89 -25.49 12.13
CA ARG E 63 14.14 -25.66 12.87
C ARG E 63 13.93 -25.45 14.36
N GLU E 64 13.21 -24.38 14.72
CA GLU E 64 12.94 -24.12 16.13
C GLU E 64 12.13 -25.27 16.75
N HIS E 65 11.14 -25.79 16.04
CA HIS E 65 10.39 -26.93 16.55
C HIS E 65 11.34 -28.08 16.89
N ALA E 66 12.28 -28.36 15.98
CA ALA E 66 13.23 -29.43 16.22
C ALA E 66 14.07 -29.17 17.46
N GLU E 67 14.70 -27.99 17.53
CA GLU E 67 15.59 -27.70 18.65
C GLU E 67 14.85 -27.73 19.98
N LYS E 68 13.59 -27.28 20.00
CA LYS E 68 12.81 -27.38 21.22
C LYS E 68 12.55 -28.83 21.59
N LEU E 69 12.31 -29.70 20.59
CA LEU E 69 12.14 -31.11 20.90
C LEU E 69 13.42 -31.72 21.45
N MET E 70 14.58 -31.32 20.92
CA MET E 70 15.85 -31.82 21.44
C MET E 70 16.08 -31.36 22.88
N LYS E 71 15.74 -30.09 23.15
CA LYS E 71 15.83 -29.59 24.53
C LYS E 71 14.95 -30.41 25.46
N LEU E 72 13.70 -30.68 25.05
CA LEU E 72 12.83 -31.53 25.86
C LEU E 72 13.49 -32.89 26.11
N GLN E 73 14.02 -33.50 25.05
CA GLN E 73 14.68 -34.79 25.19
C GLN E 73 15.73 -34.75 26.30
N ASN E 74 16.61 -33.74 26.27
CA ASN E 74 17.62 -33.66 27.32
C ASN E 74 17.00 -33.39 28.69
N GLN E 75 15.94 -32.58 28.73
CA GLN E 75 15.30 -32.26 30.01
C GLN E 75 14.74 -33.50 30.69
N ARG E 76 14.11 -34.38 29.94
CA ARG E 76 13.49 -35.56 30.52
C ARG E 76 14.48 -36.69 30.73
N GLY E 77 15.75 -36.48 30.41
CA GLY E 77 16.76 -37.50 30.57
C GLY E 77 16.90 -38.44 29.39
N GLY E 78 16.17 -38.21 28.30
CA GLY E 78 16.34 -39.01 27.12
C GLY E 78 17.63 -38.70 26.40
N ARG E 79 17.93 -39.51 25.38
CA ARG E 79 19.15 -39.36 24.61
C ARG E 79 18.78 -39.10 23.15
N ILE E 80 19.31 -38.00 22.61
CA ILE E 80 19.03 -37.61 21.24
C ILE E 80 19.81 -38.51 20.30
N PHE E 81 19.11 -39.08 19.31
CA PHE E 81 19.74 -39.85 18.24
C PHE E 81 19.25 -39.31 16.91
N LEU E 82 20.13 -38.65 16.17
CA LEU E 82 19.78 -38.04 14.91
C LEU E 82 19.86 -39.05 13.78
N GLN E 83 18.99 -38.87 12.80
CA GLN E 83 19.00 -39.70 11.62
C GLN E 83 19.16 -38.80 10.41
N ASP E 84 19.51 -39.41 9.27
CA ASP E 84 19.61 -38.66 8.03
C ASP E 84 18.36 -37.79 7.84
N ILE E 85 18.57 -36.59 7.33
CA ILE E 85 17.47 -35.73 6.93
C ILE E 85 17.20 -35.96 5.45
N GLN E 86 16.05 -36.56 5.15
CA GLN E 86 15.70 -36.90 3.78
C GLN E 86 15.42 -35.64 2.98
N LYS E 87 15.87 -35.64 1.73
CA LYS E 87 15.58 -34.52 0.85
C LYS E 87 14.10 -34.47 0.51
N PRO E 88 13.57 -33.29 0.19
CA PRO E 88 12.14 -33.16 -0.11
C PRO E 88 11.74 -33.99 -1.32
N ASP E 89 10.43 -34.24 -1.44
CA ASP E 89 9.90 -35.04 -2.53
C ASP E 89 10.04 -34.34 -3.89
N GLU E 90 10.19 -33.03 -3.93
CA GLU E 90 10.25 -32.30 -5.18
C GLU E 90 11.45 -31.36 -5.17
N ASP E 91 12.02 -31.17 -6.36
CA ASP E 91 12.99 -30.12 -6.59
C ASP E 91 12.36 -28.90 -7.24
N ASP E 92 11.31 -29.12 -8.03
CA ASP E 92 10.56 -28.08 -8.72
C ASP E 92 9.15 -28.09 -8.15
N TRP E 93 8.75 -26.96 -7.55
CA TRP E 93 7.47 -26.91 -6.85
C TRP E 93 6.34 -26.35 -7.70
N GLU E 94 6.58 -26.13 -9.00
CA GLU E 94 5.50 -25.83 -9.95
C GLU E 94 4.94 -24.42 -9.84
N SER E 95 4.40 -24.07 -8.68
CA SER E 95 3.73 -22.78 -8.54
C SER E 95 3.50 -22.50 -7.06
N GLY E 96 3.09 -21.25 -6.77
CA GLY E 96 2.78 -20.89 -5.40
C GLY E 96 1.62 -21.68 -4.83
N LEU E 97 0.57 -21.86 -5.62
CA LEU E 97 -0.56 -22.68 -5.18
C LEU E 97 -0.11 -24.09 -4.83
N ASN E 98 0.68 -24.71 -5.72
CA ASN E 98 1.13 -26.08 -5.49
C ASN E 98 2.03 -26.16 -4.26
N ALA E 99 2.89 -25.16 -4.07
CA ALA E 99 3.73 -25.14 -2.87
C ALA E 99 2.88 -25.03 -1.61
N MET E 100 1.85 -24.18 -1.63
CA MET E 100 0.97 -24.06 -0.47
C MET E 100 0.24 -25.37 -0.18
N GLU E 101 -0.24 -26.06 -1.21
CA GLU E 101 -0.93 -27.34 -0.98
C GLU E 101 0.03 -28.40 -0.46
N ALA E 102 1.24 -28.47 -1.01
CA ALA E 102 2.23 -29.40 -0.49
C ALA E 102 2.56 -29.08 0.97
N ALA E 103 2.59 -27.78 1.30
CA ALA E 103 2.85 -27.37 2.68
C ALA E 103 1.71 -27.74 3.61
N LEU E 104 0.46 -27.58 3.16
CA LEU E 104 -0.69 -27.99 3.95
C LEU E 104 -0.64 -29.49 4.23
N HIS E 105 -0.34 -30.29 3.19
CA HIS E 105 -0.20 -31.73 3.36
C HIS E 105 0.89 -32.06 4.37
N LEU E 106 2.07 -31.46 4.19
CA LEU E 106 3.17 -31.69 5.13
C LEU E 106 2.75 -31.35 6.56
N GLU E 107 2.12 -30.20 6.74
CA GLU E 107 1.70 -29.78 8.07
C GLU E 107 0.67 -30.73 8.67
N LYS E 108 -0.21 -31.31 7.84
CA LYS E 108 -1.16 -32.26 8.39
C LYS E 108 -0.50 -33.57 8.78
N ASN E 109 0.53 -34.00 8.05
CA ASN E 109 1.30 -35.16 8.48
C ASN E 109 2.03 -34.86 9.80
N VAL E 110 2.65 -33.69 9.92
CA VAL E 110 3.36 -33.33 11.14
C VAL E 110 2.39 -33.24 12.31
N ASN E 111 1.19 -32.70 12.06
CA ASN E 111 0.19 -32.62 13.12
C ASN E 111 -0.29 -34.00 13.53
N GLN E 112 -0.52 -34.89 12.57
CA GLN E 112 -0.92 -36.26 12.92
C GLN E 112 0.17 -36.94 13.74
N SER E 113 1.43 -36.74 13.36
CA SER E 113 2.54 -37.28 14.15
C SER E 113 2.49 -36.75 15.58
N LEU E 114 2.27 -35.45 15.74
CA LEU E 114 2.19 -34.88 17.08
C LEU E 114 0.99 -35.40 17.86
N LEU E 115 -0.14 -35.65 17.19
CA LEU E 115 -1.30 -36.19 17.88
C LEU E 115 -1.03 -37.61 18.35
N GLU E 116 -0.35 -38.42 17.53
CA GLU E 116 0.05 -39.74 17.98
C GLU E 116 1.02 -39.64 19.16
N LEU E 117 1.90 -38.64 19.15
CA LEU E 117 2.80 -38.45 20.28
C LEU E 117 2.03 -38.11 21.55
N HIS E 118 0.99 -37.26 21.44
CA HIS E 118 0.21 -36.92 22.61
C HIS E 118 -0.59 -38.13 23.11
N LYS E 119 -1.22 -38.87 22.20
CA LYS E 119 -1.85 -40.12 22.62
C LYS E 119 -0.87 -41.00 23.37
N LEU E 120 0.37 -41.08 22.88
CA LEU E 120 1.39 -41.90 23.52
C LEU E 120 1.68 -41.41 24.94
N ALA E 121 1.88 -40.09 25.09
CA ALA E 121 2.15 -39.53 26.41
C ALA E 121 0.98 -39.75 27.37
N HIS E 122 -0.24 -39.63 26.85
CA HIS E 122 -1.44 -39.86 27.66
C HIS E 122 -1.54 -41.32 28.12
N ASP E 123 -1.37 -42.27 27.20
CA ASP E 123 -1.45 -43.68 27.56
C ASP E 123 -0.32 -44.09 28.49
N LYS E 124 0.84 -43.45 28.37
CA LYS E 124 1.97 -43.73 29.25
C LYS E 124 1.95 -42.88 30.52
N ASN E 125 0.85 -42.17 30.78
CA ASN E 125 0.71 -41.33 31.95
C ASN E 125 1.89 -40.36 32.10
N ASP E 126 2.18 -39.64 31.00
CA ASP E 126 3.20 -38.60 31.01
C ASP E 126 2.54 -37.24 30.87
N PRO E 127 1.95 -36.70 31.93
CA PRO E 127 1.26 -35.41 31.80
C PRO E 127 2.18 -34.27 31.42
N HIS E 128 3.45 -34.30 31.85
CA HIS E 128 4.38 -33.25 31.45
C HIS E 128 4.61 -33.26 29.94
N LEU E 129 4.77 -34.44 29.35
CA LEU E 129 4.99 -34.51 27.91
C LEU E 129 3.70 -34.14 27.17
N ALA E 130 2.56 -34.60 27.67
CA ALA E 130 1.29 -34.25 27.06
C ALA E 130 1.09 -32.74 27.08
N ASP E 131 1.43 -32.08 28.19
CA ASP E 131 1.30 -30.63 28.25
C ASP E 131 2.34 -29.91 27.41
N PHE E 132 3.55 -30.47 27.29
CA PHE E 132 4.53 -29.91 26.36
C PHE E 132 3.99 -29.90 24.95
N ILE E 133 3.46 -31.04 24.51
CA ILE E 133 2.89 -31.13 23.17
C ILE E 133 1.71 -30.19 23.03
N GLU E 134 0.81 -30.21 24.01
CA GLU E 134 -0.39 -29.37 23.97
C GLU E 134 -0.03 -27.89 23.85
N THR E 135 0.84 -27.40 24.73
CA THR E 135 1.10 -25.97 24.83
C THR E 135 1.98 -25.48 23.69
N HIS E 136 2.95 -26.28 23.25
CA HIS E 136 3.94 -25.79 22.31
C HIS E 136 3.70 -26.23 20.87
N TYR E 137 2.82 -27.21 20.63
CA TYR E 137 2.74 -27.73 19.27
C TYR E 137 1.33 -27.84 18.70
N LEU E 138 0.36 -28.28 19.50
CA LEU E 138 -0.95 -28.60 18.93
C LEU E 138 -1.62 -27.37 18.31
N ASN E 139 -1.75 -26.29 19.09
CA ASN E 139 -2.44 -25.11 18.55
C ASN E 139 -1.61 -24.44 17.46
N GLU E 140 -0.29 -24.49 17.55
CA GLU E 140 0.54 -23.94 16.48
C GLU E 140 0.32 -24.70 15.17
N GLN E 141 0.22 -26.02 15.25
CA GLN E 141 -0.12 -26.80 14.06
C GLN E 141 -1.50 -26.44 13.53
N VAL E 142 -2.47 -26.29 14.43
CA VAL E 142 -3.83 -25.93 14.01
C VAL E 142 -3.83 -24.58 13.30
N LYS E 143 -3.12 -23.60 13.86
CA LYS E 143 -3.06 -22.28 13.23
C LYS E 143 -2.35 -22.35 11.88
N ALA E 144 -1.23 -23.08 11.80
CA ALA E 144 -0.52 -23.20 10.54
C ALA E 144 -1.39 -23.86 9.47
N ILE E 145 -2.16 -24.88 9.86
CA ILE E 145 -3.03 -25.57 8.91
C ILE E 145 -4.15 -24.65 8.45
N LYS E 146 -4.73 -23.88 9.39
CA LYS E 146 -5.77 -22.92 8.99
C LYS E 146 -5.23 -21.87 8.04
N GLU E 147 -4.02 -21.37 8.31
CA GLU E 147 -3.41 -20.35 7.46
C GLU E 147 -3.12 -20.90 6.07
N LEU E 148 -2.50 -22.08 6.00
CA LEU E 148 -2.28 -22.69 4.69
C LEU E 148 -3.60 -22.89 3.95
N GLY E 149 -4.65 -23.30 4.66
CA GLY E 149 -5.95 -23.45 4.02
C GLY E 149 -6.47 -22.15 3.45
N ASP E 150 -6.37 -21.07 4.22
CA ASP E 150 -6.80 -19.78 3.73
C ASP E 150 -6.00 -19.37 2.48
N HIS E 151 -4.68 -19.58 2.52
CA HIS E 151 -3.86 -19.22 1.36
C HIS E 151 -4.29 -19.99 0.12
N VAL E 152 -4.42 -21.31 0.25
CA VAL E 152 -4.85 -22.14 -0.88
C VAL E 152 -6.20 -21.65 -1.40
N THR E 153 -7.14 -21.42 -0.48
CA THR E 153 -8.47 -20.96 -0.88
C THR E 153 -8.38 -19.68 -1.69
N ASN E 154 -7.61 -18.71 -1.21
CA ASN E 154 -7.51 -17.43 -1.91
C ASN E 154 -6.85 -17.58 -3.27
N LEU E 155 -5.74 -18.32 -3.34
CA LEU E 155 -5.06 -18.52 -4.63
C LEU E 155 -6.00 -19.14 -5.65
N ARG E 156 -6.71 -20.20 -5.24
N ARG E 156 -6.75 -20.17 -5.24
CA ARG E 156 -7.70 -20.81 -6.12
CA ARG E 156 -7.68 -20.80 -6.18
C ARG E 156 -8.74 -19.80 -6.57
C ARG E 156 -8.80 -19.84 -6.57
N LYS E 157 -9.37 -19.12 -5.60
CA LYS E 157 -10.40 -18.14 -5.93
C LYS E 157 -9.88 -17.07 -6.89
N MET E 158 -8.61 -16.69 -6.77
CA MET E 158 -8.00 -15.72 -7.67
C MET E 158 -7.66 -16.33 -9.03
N GLY E 159 -7.64 -17.64 -9.14
CA GLY E 159 -7.38 -18.29 -10.40
C GLY E 159 -6.03 -18.96 -10.54
N ALA E 160 -5.35 -19.26 -9.44
CA ALA E 160 -4.08 -19.96 -9.51
C ALA E 160 -4.33 -21.44 -9.71
N PRO E 161 -3.35 -22.14 -10.29
CA PRO E 161 -2.09 -21.54 -10.72
C PRO E 161 -2.08 -21.08 -12.17
N GLU E 162 -3.19 -21.30 -12.87
CA GLU E 162 -3.26 -20.95 -14.29
C GLU E 162 -2.96 -19.47 -14.52
N SER E 163 -3.49 -18.60 -13.66
CA SER E 163 -3.31 -17.15 -13.80
C SER E 163 -2.06 -16.73 -13.04
N GLY E 164 -1.02 -16.33 -13.77
CA GLY E 164 0.16 -15.79 -13.13
C GLY E 164 -0.08 -14.45 -12.46
N LEU E 165 -1.01 -13.65 -13.00
CA LEU E 165 -1.43 -12.43 -12.31
C LEU E 165 -1.94 -12.75 -10.92
N ALA E 166 -2.69 -13.86 -10.78
CA ALA E 166 -3.21 -14.24 -9.47
C ALA E 166 -2.09 -14.44 -8.46
N GLU E 167 -1.08 -15.24 -8.82
CA GLU E 167 0.01 -15.50 -7.89
C GLU E 167 0.88 -14.26 -7.64
N TYR E 168 1.06 -13.42 -8.66
CA TYR E 168 1.78 -12.17 -8.46
C TYR E 168 1.07 -11.28 -7.45
N LEU E 169 -0.23 -11.05 -7.67
CA LEU E 169 -1.00 -10.17 -6.80
C LEU E 169 -1.14 -10.75 -5.40
N PHE E 170 -1.30 -12.07 -5.30
CA PHE E 170 -1.33 -12.72 -3.98
C PHE E 170 0.00 -12.54 -3.27
N ASP E 171 1.11 -12.74 -3.99
CA ASP E 171 2.42 -12.52 -3.43
C ASP E 171 2.56 -11.09 -2.91
N LYS E 172 1.97 -10.11 -3.61
CA LYS E 172 2.10 -8.72 -3.19
C LYS E 172 1.22 -8.38 -2.01
N HIS E 173 -0.08 -8.70 -2.10
CA HIS E 173 -1.07 -8.20 -1.16
C HIS E 173 -1.30 -9.11 0.04
N THR E 174 -0.96 -10.40 -0.07
CA THR E 174 -1.14 -11.33 1.03
C THR E 174 0.18 -11.70 1.71
N LEU E 175 1.18 -12.15 0.94
CA LEU E 175 2.46 -12.50 1.54
C LEU E 175 3.41 -11.32 1.66
N GLY E 176 3.09 -10.18 1.06
CA GLY E 176 3.92 -9.00 1.13
C GLY E 176 3.63 -8.11 2.32
N SER F 4 -14.42 56.84 -14.55
CA SER F 4 -13.16 57.48 -14.17
C SER F 4 -12.01 56.48 -14.22
N THR F 5 -10.88 56.93 -14.76
CA THR F 5 -9.73 56.04 -14.90
C THR F 5 -9.08 55.77 -13.54
N SER F 6 -8.67 54.53 -13.33
CA SER F 6 -8.07 54.14 -12.07
C SER F 6 -6.76 54.89 -11.84
N GLN F 7 -6.47 55.19 -10.58
CA GLN F 7 -5.23 55.86 -10.22
C GLN F 7 -4.00 54.99 -10.39
N VAL F 8 -4.17 53.66 -10.34
CA VAL F 8 -3.02 52.77 -10.53
C VAL F 8 -2.86 52.37 -11.99
N ARG F 9 -3.90 52.54 -12.81
CA ARG F 9 -3.87 52.01 -14.16
C ARG F 9 -2.72 52.62 -14.96
N GLN F 10 -1.93 51.74 -15.58
CA GLN F 10 -0.79 52.18 -16.38
C GLN F 10 -0.46 51.08 -17.37
N ASN F 11 -0.56 51.39 -18.66
CA ASN F 11 -0.24 50.43 -19.72
C ASN F 11 -1.19 49.24 -19.72
N TYR F 12 -2.41 49.43 -19.22
CA TYR F 12 -3.38 48.35 -19.13
C TYR F 12 -4.49 48.63 -20.15
N HIS F 13 -4.44 47.89 -21.26
CA HIS F 13 -5.36 48.12 -22.36
C HIS F 13 -6.76 47.57 -22.05
N GLN F 14 -7.77 48.28 -22.56
CA GLN F 14 -9.15 47.88 -22.33
C GLN F 14 -9.42 46.47 -22.85
N ASP F 15 -8.82 46.11 -23.98
CA ASP F 15 -8.95 44.74 -24.48
C ASP F 15 -8.40 43.74 -23.46
N SER F 16 -7.26 44.06 -22.86
CA SER F 16 -6.69 43.20 -21.83
C SER F 16 -7.64 43.05 -20.65
N GLU F 17 -8.26 44.16 -20.23
CA GLU F 17 -9.20 44.12 -19.12
C GLU F 17 -10.39 43.21 -19.44
N ALA F 18 -10.97 43.37 -20.62
CA ALA F 18 -12.11 42.54 -21.00
C ALA F 18 -11.72 41.07 -21.10
N ALA F 19 -10.55 40.80 -21.70
CA ALA F 19 -10.08 39.42 -21.79
C ALA F 19 -9.86 38.83 -20.41
N ILE F 20 -9.41 39.63 -19.45
CA ILE F 20 -9.23 39.15 -18.09
C ILE F 20 -10.57 38.81 -17.45
N ASN F 21 -11.58 39.64 -17.67
CA ASN F 21 -12.90 39.29 -17.12
C ASN F 21 -13.41 37.99 -17.74
N ARG F 22 -13.26 37.83 -19.05
CA ARG F 22 -13.67 36.58 -19.69
C ARG F 22 -12.90 35.39 -19.13
N GLN F 23 -11.60 35.55 -18.89
CA GLN F 23 -10.81 34.46 -18.32
C GLN F 23 -11.27 34.13 -16.92
N ILE F 24 -11.61 35.16 -16.13
CA ILE F 24 -12.18 34.92 -14.80
C ILE F 24 -13.41 34.02 -14.91
N ASN F 25 -14.34 34.40 -15.78
CA ASN F 25 -15.53 33.56 -15.95
C ASN F 25 -15.16 32.15 -16.39
N LEU F 26 -14.18 32.02 -17.29
CA LEU F 26 -13.79 30.69 -17.75
C LEU F 26 -13.26 29.84 -16.60
N GLU F 27 -12.41 30.43 -15.75
CA GLU F 27 -11.89 29.71 -14.59
C GLU F 27 -13.02 29.28 -13.67
N LEU F 28 -13.97 30.18 -13.40
CA LEU F 28 -15.10 29.82 -12.54
C LEU F 28 -15.92 28.68 -13.18
N TYR F 29 -16.11 28.74 -14.50
CA TYR F 29 -16.78 27.66 -15.20
C TYR F 29 -16.03 26.34 -15.02
N ALA F 30 -14.71 26.35 -15.20
CA ALA F 30 -13.93 25.14 -15.01
C ALA F 30 -14.12 24.60 -13.60
N SER F 31 -14.09 25.49 -12.60
CA SER F 31 -14.36 25.08 -11.22
C SER F 31 -15.71 24.38 -11.11
N TYR F 32 -16.74 24.94 -11.76
CA TYR F 32 -18.08 24.32 -11.71
C TYR F 32 -18.05 22.93 -12.34
N VAL F 33 -17.40 22.80 -13.50
CA VAL F 33 -17.27 21.51 -14.16
C VAL F 33 -16.67 20.48 -13.21
N TYR F 34 -15.55 20.84 -12.58
CA TYR F 34 -14.87 19.90 -11.71
C TYR F 34 -15.72 19.54 -10.50
N LEU F 35 -16.45 20.50 -9.94
CA LEU F 35 -17.38 20.18 -8.85
C LEU F 35 -18.39 19.13 -9.31
N SER F 36 -18.98 19.34 -10.50
CA SER F 36 -19.97 18.40 -11.01
C SER F 36 -19.38 17.00 -11.16
N MET F 37 -18.21 16.90 -11.79
CA MET F 37 -17.57 15.59 -11.95
C MET F 37 -17.35 14.93 -10.59
N SER F 38 -16.76 15.67 -9.65
CA SER F 38 -16.48 15.10 -8.33
C SER F 38 -17.72 14.47 -7.73
N TYR F 39 -18.81 15.24 -7.64
CA TYR F 39 -19.98 14.65 -7.01
C TYR F 39 -20.68 13.64 -7.91
N TYR F 40 -20.32 13.55 -9.19
CA TYR F 40 -20.76 12.40 -9.98
C TYR F 40 -20.09 11.14 -9.47
N PHE F 41 -18.78 11.20 -9.21
CA PHE F 41 -18.13 10.02 -8.65
C PHE F 41 -18.46 9.80 -7.18
N ASP F 42 -19.11 10.76 -6.52
CA ASP F 42 -19.61 10.54 -5.16
C ASP F 42 -20.91 9.74 -5.12
N ARG F 43 -21.52 9.45 -6.27
CA ARG F 43 -22.80 8.76 -6.29
C ARG F 43 -22.66 7.32 -5.81
N ASP F 44 -23.72 6.80 -5.18
CA ASP F 44 -23.69 5.45 -4.65
C ASP F 44 -23.58 4.41 -5.76
N ASP F 45 -23.98 4.75 -6.98
CA ASP F 45 -23.89 3.85 -8.12
C ASP F 45 -22.67 4.14 -8.98
N VAL F 46 -21.73 4.93 -8.46
CA VAL F 46 -20.44 5.14 -9.10
C VAL F 46 -19.35 4.80 -8.09
N ALA F 47 -19.36 5.51 -6.96
CA ALA F 47 -18.58 5.14 -5.78
C ALA F 47 -17.08 4.98 -6.08
N LEU F 48 -16.50 6.03 -6.68
CA LEU F 48 -15.05 6.12 -6.89
C LEU F 48 -14.56 7.34 -6.09
N LYS F 49 -14.29 7.11 -4.80
CA LYS F 49 -14.02 8.21 -3.89
C LYS F 49 -12.77 8.98 -4.28
N ASN F 50 -11.80 8.32 -4.91
CA ASN F 50 -10.57 9.02 -5.27
C ASN F 50 -10.74 9.86 -6.53
N PHE F 51 -11.55 9.40 -7.50
CA PHE F 51 -11.96 10.28 -8.57
C PHE F 51 -12.71 11.48 -8.03
N ALA F 52 -13.59 11.27 -7.05
CA ALA F 52 -14.33 12.37 -6.45
C ALA F 52 -13.37 13.38 -5.80
N LYS F 53 -12.49 12.90 -4.93
CA LYS F 53 -11.54 13.79 -4.27
C LYS F 53 -10.66 14.52 -5.28
N TYR F 54 -10.17 13.79 -6.29
CA TYR F 54 -9.35 14.40 -7.34
C TYR F 54 -10.07 15.56 -8.01
N PHE F 55 -11.30 15.33 -8.49
CA PHE F 55 -12.00 16.37 -9.23
C PHE F 55 -12.45 17.51 -8.31
N LEU F 56 -12.71 17.22 -7.03
CA LEU F 56 -13.00 18.29 -6.08
C LEU F 56 -11.78 19.18 -5.87
N HIS F 57 -10.60 18.56 -5.72
CA HIS F 57 -9.37 19.34 -5.61
C HIS F 57 -9.16 20.21 -6.85
N GLN F 58 -9.38 19.63 -8.04
CA GLN F 58 -9.29 20.43 -9.25
C GLN F 58 -10.28 21.60 -9.20
N SER F 59 -11.48 21.36 -8.69
CA SER F 59 -12.49 22.42 -8.61
C SER F 59 -12.01 23.58 -7.74
N HIS F 60 -11.52 23.28 -6.53
CA HIS F 60 -11.01 24.34 -5.68
C HIS F 60 -9.82 25.05 -6.34
N GLU F 61 -8.97 24.29 -7.02
CA GLU F 61 -7.86 24.89 -7.75
C GLU F 61 -8.37 25.92 -8.75
N GLU F 62 -9.33 25.53 -9.61
CA GLU F 62 -9.89 26.48 -10.56
C GLU F 62 -10.42 27.72 -9.86
N ARG F 63 -11.06 27.53 -8.70
N ARG F 63 -11.04 27.55 -8.68
CA ARG F 63 -11.47 28.66 -7.88
CA ARG F 63 -11.47 28.71 -7.92
C ARG F 63 -10.29 29.60 -7.61
C ARG F 63 -10.29 29.62 -7.59
N GLU F 64 -9.17 29.03 -7.17
CA GLU F 64 -7.97 29.84 -6.93
C GLU F 64 -7.51 30.55 -8.20
N HIS F 65 -7.54 29.86 -9.34
CA HIS F 65 -7.20 30.49 -10.61
C HIS F 65 -8.05 31.73 -10.86
N ALA F 66 -9.36 31.60 -10.65
CA ALA F 66 -10.25 32.73 -10.84
C ALA F 66 -9.89 33.86 -9.90
N GLU F 67 -9.80 33.57 -8.59
CA GLU F 67 -9.56 34.63 -7.63
C GLU F 67 -8.24 35.34 -7.91
N LYS F 68 -7.22 34.61 -8.34
CA LYS F 68 -5.98 35.27 -8.71
C LYS F 68 -6.17 36.17 -9.93
N LEU F 69 -7.01 35.75 -10.88
CA LEU F 69 -7.28 36.63 -12.02
C LEU F 69 -8.01 37.90 -11.59
N MET F 70 -8.94 37.79 -10.64
CA MET F 70 -9.64 38.98 -10.16
C MET F 70 -8.69 39.90 -9.39
N LYS F 71 -7.80 39.33 -8.58
CA LYS F 71 -6.79 40.13 -7.90
C LYS F 71 -5.93 40.88 -8.92
N LEU F 72 -5.47 40.18 -9.96
CA LEU F 72 -4.73 40.86 -11.02
C LEU F 72 -5.53 42.01 -11.60
N GLN F 73 -6.81 41.75 -11.90
CA GLN F 73 -7.67 42.80 -12.44
C GLN F 73 -7.64 44.04 -11.56
N ASN F 74 -7.83 43.87 -10.25
CA ASN F 74 -7.79 45.03 -9.35
C ASN F 74 -6.40 45.66 -9.31
N GLN F 75 -5.35 44.85 -9.38
CA GLN F 75 -3.99 45.38 -9.33
C GLN F 75 -3.72 46.32 -10.49
N ARG F 76 -4.17 45.96 -11.69
CA ARG F 76 -3.89 46.78 -12.85
C ARG F 76 -4.84 47.95 -13.00
N GLY F 77 -5.80 48.10 -12.08
CA GLY F 77 -6.78 49.17 -12.15
C GLY F 77 -8.00 48.87 -12.99
N GLY F 78 -8.12 47.65 -13.51
CA GLY F 78 -9.31 47.28 -14.22
C GLY F 78 -10.50 47.09 -13.29
N ARG F 79 -11.66 46.87 -13.88
CA ARG F 79 -12.89 46.70 -13.14
C ARG F 79 -13.47 45.32 -13.41
N ILE F 80 -13.70 44.56 -12.33
CA ILE F 80 -14.24 43.23 -12.43
C ILE F 80 -15.72 43.29 -12.76
N PHE F 81 -16.14 42.54 -13.79
CA PHE F 81 -17.55 42.40 -14.15
C PHE F 81 -17.84 40.92 -14.30
N LEU F 82 -18.62 40.39 -13.38
CA LEU F 82 -18.92 38.96 -13.35
C LEU F 82 -20.11 38.64 -14.26
N GLN F 83 -20.08 37.44 -14.84
CA GLN F 83 -21.15 36.95 -15.67
C GLN F 83 -21.67 35.64 -15.10
N ASP F 84 -22.86 35.24 -15.55
CA ASP F 84 -23.41 33.95 -15.15
C ASP F 84 -22.36 32.86 -15.33
N ILE F 85 -22.32 31.94 -14.39
CA ILE F 85 -21.49 30.75 -14.51
C ILE F 85 -22.36 29.66 -15.11
N GLN F 86 -22.05 29.27 -16.35
CA GLN F 86 -22.87 28.29 -17.03
C GLN F 86 -22.73 26.92 -16.39
N LYS F 87 -23.85 26.20 -16.31
CA LYS F 87 -23.79 24.85 -15.79
C LYS F 87 -23.02 23.95 -16.75
N PRO F 88 -22.42 22.87 -16.25
CA PRO F 88 -21.61 22.00 -17.11
C PRO F 88 -22.44 21.41 -18.24
N ASP F 89 -21.72 20.94 -19.27
CA ASP F 89 -22.37 20.33 -20.42
C ASP F 89 -23.03 19.01 -20.07
N GLU F 90 -22.62 18.37 -18.99
CA GLU F 90 -23.12 17.06 -18.61
C GLU F 90 -23.52 17.06 -17.15
N ASP F 91 -24.55 16.29 -16.83
CA ASP F 91 -24.87 15.95 -15.45
C ASP F 91 -24.36 14.57 -15.06
N ASP F 92 -24.25 13.67 -16.01
CA ASP F 92 -23.77 12.30 -15.81
C ASP F 92 -22.49 12.14 -16.62
N TRP F 93 -21.38 11.83 -15.93
CA TRP F 93 -20.08 11.79 -16.57
C TRP F 93 -19.66 10.38 -17.00
N GLU F 94 -20.55 9.40 -16.91
CA GLU F 94 -20.35 8.10 -17.53
C GLU F 94 -19.33 7.22 -16.80
N SER F 95 -18.09 7.68 -16.69
CA SER F 95 -17.02 6.84 -16.13
C SER F 95 -15.80 7.71 -15.85
N GLY F 96 -14.84 7.11 -15.14
CA GLY F 96 -13.60 7.81 -14.83
C GLY F 96 -12.81 8.17 -16.07
N LEU F 97 -12.73 7.24 -17.03
CA LEU F 97 -12.06 7.52 -18.29
C LEU F 97 -12.70 8.72 -19.00
N ASN F 98 -14.03 8.70 -19.12
CA ASN F 98 -14.72 9.79 -19.83
C ASN F 98 -14.58 11.11 -19.10
N ALA F 99 -14.63 11.08 -17.77
CA ALA F 99 -14.40 12.31 -17.01
C ALA F 99 -13.00 12.84 -17.26
N MET F 100 -12.00 11.95 -17.29
CA MET F 100 -10.64 12.39 -17.55
C MET F 100 -10.50 12.99 -18.94
N GLU F 101 -11.14 12.39 -19.94
CA GLU F 101 -11.08 12.95 -21.29
C GLU F 101 -11.76 14.31 -21.37
N ALA F 102 -12.94 14.43 -20.77
CA ALA F 102 -13.61 15.73 -20.74
C ALA F 102 -12.77 16.78 -20.02
N ALA F 103 -12.06 16.36 -18.97
CA ALA F 103 -11.20 17.29 -18.25
C ALA F 103 -10.00 17.70 -19.10
N LEU F 104 -9.39 16.76 -19.82
CA LEU F 104 -8.30 17.11 -20.73
C LEU F 104 -8.77 18.11 -21.77
N HIS F 105 -9.91 17.85 -22.40
CA HIS F 105 -10.47 18.77 -23.39
C HIS F 105 -10.71 20.15 -22.77
N LEU F 106 -11.36 20.18 -21.61
CA LEU F 106 -11.61 21.45 -20.93
C LEU F 106 -10.30 22.20 -20.68
N GLU F 107 -9.29 21.51 -20.17
CA GLU F 107 -8.01 22.15 -19.89
C GLU F 107 -7.36 22.67 -21.16
N LYS F 108 -7.58 22.00 -22.30
CA LYS F 108 -7.04 22.51 -23.55
C LYS F 108 -7.79 23.76 -23.99
N ASN F 109 -9.08 23.85 -23.70
CA ASN F 109 -9.82 25.10 -23.97
C ASN F 109 -9.30 26.24 -23.10
N VAL F 110 -9.12 25.98 -21.80
CA VAL F 110 -8.63 27.03 -20.90
C VAL F 110 -7.22 27.44 -21.29
N ASN F 111 -6.39 26.47 -21.69
CA ASN F 111 -5.04 26.77 -22.12
C ASN F 111 -5.04 27.62 -23.37
N GLN F 112 -5.88 27.28 -24.35
CA GLN F 112 -5.95 28.09 -25.56
C GLN F 112 -6.39 29.52 -25.23
N SER F 113 -7.37 29.65 -24.33
CA SER F 113 -7.82 30.97 -23.91
C SER F 113 -6.67 31.76 -23.27
N LEU F 114 -5.90 31.11 -22.39
CA LEU F 114 -4.76 31.80 -21.79
C LEU F 114 -3.69 32.15 -22.81
N LEU F 115 -3.49 31.29 -23.82
CA LEU F 115 -2.51 31.57 -24.85
C LEU F 115 -2.92 32.76 -25.70
N GLU F 116 -4.23 32.86 -26.00
CA GLU F 116 -4.74 34.05 -26.67
C GLU F 116 -4.59 35.29 -25.79
N LEU F 117 -4.76 35.12 -24.48
CA LEU F 117 -4.56 36.24 -23.56
C LEU F 117 -3.11 36.71 -23.56
N HIS F 118 -2.16 35.76 -23.60
CA HIS F 118 -0.75 36.15 -23.64
C HIS F 118 -0.39 36.77 -24.98
N LYS F 119 -0.87 36.19 -26.07
CA LYS F 119 -0.71 36.85 -27.37
C LYS F 119 -1.21 38.28 -27.31
N LEU F 120 -2.39 38.48 -26.74
CA LEU F 120 -2.95 39.82 -26.64
C LEU F 120 -2.08 40.75 -25.81
N ALA F 121 -1.62 40.28 -24.64
CA ALA F 121 -0.78 41.12 -23.80
C ALA F 121 0.51 41.50 -24.52
N HIS F 122 1.09 40.53 -25.24
CA HIS F 122 2.31 40.78 -26.00
C HIS F 122 2.06 41.80 -27.10
N ASP F 123 0.97 41.64 -27.86
CA ASP F 123 0.65 42.57 -28.93
C ASP F 123 0.35 43.97 -28.40
N LYS F 124 -0.18 44.06 -27.18
CA LYS F 124 -0.44 45.35 -26.55
C LYS F 124 0.75 45.85 -25.75
N ASN F 125 1.90 45.19 -25.89
CA ASN F 125 3.12 45.56 -25.16
C ASN F 125 2.84 45.69 -23.67
N ASP F 126 2.25 44.63 -23.10
CA ASP F 126 1.99 44.52 -21.67
C ASP F 126 2.88 43.45 -21.05
N PRO F 127 4.16 43.74 -20.82
CA PRO F 127 5.05 42.69 -20.28
C PRO F 127 4.64 42.21 -18.90
N HIS F 128 4.07 43.08 -18.05
CA HIS F 128 3.64 42.60 -16.74
C HIS F 128 2.54 41.56 -16.85
N LEU F 129 1.57 41.78 -17.74
CA LEU F 129 0.49 40.82 -17.91
C LEU F 129 0.99 39.56 -18.60
N ALA F 130 1.83 39.70 -19.61
CA ALA F 130 2.41 38.54 -20.27
C ALA F 130 3.20 37.69 -19.28
N ASP F 131 3.95 38.34 -18.39
CA ASP F 131 4.68 37.59 -17.38
C ASP F 131 3.76 37.01 -16.31
N PHE F 132 2.66 37.70 -15.99
CA PHE F 132 1.67 37.15 -15.07
C PHE F 132 1.14 35.82 -15.62
N ILE F 133 0.73 35.83 -16.88
CA ILE F 133 0.23 34.61 -17.52
C ILE F 133 1.34 33.55 -17.57
N GLU F 134 2.54 33.96 -17.99
CA GLU F 134 3.65 33.02 -18.07
C GLU F 134 3.91 32.33 -16.74
N THR F 135 4.05 33.13 -15.67
CA THR F 135 4.50 32.63 -14.38
C THR F 135 3.41 31.85 -13.66
N HIS F 136 2.16 32.29 -13.75
CA HIS F 136 1.12 31.72 -12.93
C HIS F 136 0.21 30.75 -13.67
N TYR F 137 0.25 30.71 -14.99
CA TYR F 137 -0.78 29.90 -15.65
C TYR F 137 -0.27 28.95 -16.71
N LEU F 138 0.69 29.36 -17.52
CA LEU F 138 1.05 28.57 -18.71
C LEU F 138 1.57 27.18 -18.32
N ASN F 139 2.62 27.14 -17.49
CA ASN F 139 3.19 25.84 -17.14
C ASN F 139 2.25 25.01 -16.27
N GLU F 140 1.43 25.67 -15.44
CA GLU F 140 0.41 24.93 -14.70
C GLU F 140 -0.57 24.26 -15.64
N GLN F 141 -0.91 24.93 -16.75
CA GLN F 141 -1.77 24.32 -17.77
C GLN F 141 -1.06 23.16 -18.47
N VAL F 142 0.21 23.34 -18.83
CA VAL F 142 0.95 22.26 -19.47
C VAL F 142 1.02 21.04 -18.56
N LYS F 143 1.28 21.27 -17.27
CA LYS F 143 1.35 20.16 -16.32
C LYS F 143 0.00 19.49 -16.14
N ALA F 144 -1.07 20.28 -16.04
CA ALA F 144 -2.40 19.69 -15.88
C ALA F 144 -2.77 18.86 -17.10
N ILE F 145 -2.46 19.36 -18.29
CA ILE F 145 -2.77 18.63 -19.52
C ILE F 145 -1.95 17.36 -19.63
N LYS F 146 -0.66 17.43 -19.28
CA LYS F 146 0.17 16.22 -19.31
C LYS F 146 -0.34 15.19 -18.32
N GLU F 147 -0.72 15.62 -17.13
CA GLU F 147 -1.21 14.69 -16.11
C GLU F 147 -2.52 14.05 -16.55
N LEU F 148 -3.48 14.86 -17.02
CA LEU F 148 -4.72 14.27 -17.53
C LEU F 148 -4.43 13.30 -18.66
N GLY F 149 -3.47 13.64 -19.53
CA GLY F 149 -3.11 12.74 -20.61
C GLY F 149 -2.61 11.41 -20.10
N ASP F 150 -1.72 11.44 -19.11
CA ASP F 150 -1.23 10.19 -18.53
C ASP F 150 -2.37 9.38 -17.93
N HIS F 151 -3.27 10.04 -17.21
CA HIS F 151 -4.41 9.34 -16.61
C HIS F 151 -5.25 8.65 -17.68
N VAL F 152 -5.60 9.38 -18.73
CA VAL F 152 -6.37 8.78 -19.83
C VAL F 152 -5.62 7.59 -20.40
N THR F 153 -4.32 7.76 -20.67
CA THR F 153 -3.53 6.67 -21.23
C THR F 153 -3.60 5.43 -20.36
N ASN F 154 -3.38 5.59 -19.04
CA ASN F 154 -3.38 4.42 -18.16
C ASN F 154 -4.77 3.80 -18.07
N LEU F 155 -5.81 4.61 -17.87
CA LEU F 155 -7.15 4.05 -17.81
C LEU F 155 -7.51 3.29 -19.09
N ARG F 156 -7.02 3.74 -20.24
CA ARG F 156 -7.29 3.03 -21.48
C ARG F 156 -6.49 1.73 -21.56
N LYS F 157 -5.20 1.77 -21.20
CA LYS F 157 -4.41 0.53 -21.26
C LYS F 157 -4.96 -0.52 -20.31
N MET F 158 -5.48 -0.11 -19.16
CA MET F 158 -5.99 -1.06 -18.18
C MET F 158 -7.30 -1.70 -18.61
N GLY F 159 -7.95 -1.19 -19.63
CA GLY F 159 -9.20 -1.73 -20.12
C GLY F 159 -10.45 -0.93 -19.78
N ALA F 160 -10.32 0.34 -19.43
CA ALA F 160 -11.47 1.19 -19.15
C ALA F 160 -12.06 1.72 -20.45
N PRO F 161 -13.36 2.06 -20.44
CA PRO F 161 -14.23 1.95 -19.27
C PRO F 161 -14.97 0.62 -19.20
N GLU F 162 -14.75 -0.25 -20.19
CA GLU F 162 -15.42 -1.55 -20.21
C GLU F 162 -15.14 -2.33 -18.93
N SER F 163 -13.90 -2.29 -18.46
CA SER F 163 -13.48 -3.00 -17.26
C SER F 163 -13.69 -2.11 -16.04
N GLY F 164 -14.66 -2.46 -15.20
CA GLY F 164 -14.82 -1.74 -13.95
C GLY F 164 -13.66 -1.97 -13.00
N LEU F 165 -13.04 -3.16 -13.08
CA LEU F 165 -11.82 -3.41 -12.33
C LEU F 165 -10.75 -2.38 -12.67
N ALA F 166 -10.63 -2.02 -13.96
CA ALA F 166 -9.62 -1.04 -14.36
C ALA F 166 -9.81 0.27 -13.63
N GLU F 167 -11.02 0.83 -13.66
CA GLU F 167 -11.24 2.11 -12.99
C GLU F 167 -11.16 1.98 -11.48
N TYR F 168 -11.58 0.85 -10.91
CA TYR F 168 -11.43 0.64 -9.48
C TYR F 168 -9.96 0.69 -9.08
N LEU F 169 -9.13 -0.12 -9.75
CA LEU F 169 -7.71 -0.20 -9.42
C LEU F 169 -6.99 1.12 -9.71
N PHE F 170 -7.36 1.80 -10.79
CA PHE F 170 -6.77 3.11 -11.06
C PHE F 170 -7.12 4.10 -9.95
N ASP F 171 -8.38 4.09 -9.51
CA ASP F 171 -8.81 4.91 -8.39
C ASP F 171 -8.00 4.59 -7.12
N LYS F 172 -7.64 3.32 -6.92
CA LYS F 172 -6.92 2.93 -5.72
C LYS F 172 -5.44 3.32 -5.80
N HIS F 173 -4.77 2.93 -6.88
CA HIS F 173 -3.31 2.98 -6.97
C HIS F 173 -2.77 4.25 -7.58
N THR F 174 -3.57 4.98 -8.37
CA THR F 174 -3.10 6.20 -9.00
C THR F 174 -3.68 7.45 -8.34
N LEU F 175 -5.00 7.53 -8.23
CA LEU F 175 -5.67 8.69 -7.66
C LEU F 175 -5.82 8.59 -6.15
N GLY F 176 -5.47 7.47 -5.54
CA GLY F 176 -5.55 7.34 -4.11
C GLY F 176 -4.30 7.88 -3.47
N ASP F 177 -4.03 9.16 -3.70
CA ASP F 177 -2.81 9.81 -3.25
C ASP F 177 -3.05 11.30 -2.98
#